data_2EC2
#
_entry.id   2EC2
#
_cell.length_a   55.118
_cell.length_b   66.566
_cell.length_c   69.472
_cell.angle_alpha   107.96
_cell.angle_beta   104.39
_cell.angle_gamma   110.72
#
_symmetry.space_group_name_H-M   'P 1'
#
loop_
_entity.id
_entity.type
_entity.pdbx_description
1 polymer '136aa long hypothetical transposase'
2 non-polymer 'SULFATE ION'
#
_entity_poly.entity_id   1
_entity_poly.type   'polypeptide(L)'
_entity_poly.pdbx_seq_one_letter_code
;MEYKSTRHAKYLCNYHFVWIPKYRRKVLTGEVAEYTKEVLRTIAEELGCEVLALEVMPDHIHLFVNCPPRYAPSYLANYF
KGKSARLILKKFQELKKSTNGKLWTRSYFVSTSGNVSSETIKKYIEEQWAKENEED
;
_entity_poly.pdbx_strand_id   A,B,C,D,E,F
#
# COMPACT_ATOMS: atom_id res chain seq x y z
N MET A 1 -8.78 -4.11 -7.02
CA MET A 1 -9.99 -4.90 -6.64
C MET A 1 -10.83 -5.33 -7.87
N GLU A 2 -12.15 -5.41 -7.72
CA GLU A 2 -13.00 -5.81 -8.83
C GLU A 2 -13.47 -4.65 -9.68
N TYR A 3 -12.98 -4.60 -10.93
CA TYR A 3 -13.21 -3.50 -11.90
C TYR A 3 -14.33 -3.80 -12.94
N LYS A 4 -15.35 -2.93 -13.00
CA LYS A 4 -16.52 -3.11 -13.90
C LYS A 4 -16.35 -2.35 -15.19
N SER A 5 -17.21 -2.62 -16.17
CA SER A 5 -17.07 -2.05 -17.53
C SER A 5 -18.36 -1.78 -18.28
N THR A 6 -18.62 -0.52 -18.59
CA THR A 6 -19.65 -0.17 -19.56
C THR A 6 -19.02 -0.03 -20.94
N ARG A 7 -19.80 0.44 -21.92
CA ARG A 7 -19.30 0.54 -23.30
C ARG A 7 -18.04 1.41 -23.35
N HIS A 8 -18.07 2.56 -22.69
CA HIS A 8 -17.02 3.57 -22.84
C HIS A 8 -16.24 3.92 -21.57
N ALA A 9 -16.32 3.10 -20.53
CA ALA A 9 -15.59 3.36 -19.30
C ALA A 9 -15.30 2.11 -18.48
N LYS A 10 -14.08 2.02 -17.95
CA LYS A 10 -13.72 0.98 -16.98
C LYS A 10 -13.59 1.63 -15.60
N TYR A 11 -14.27 1.07 -14.60
CA TYR A 11 -14.40 1.77 -13.34
C TYR A 11 -14.33 0.93 -12.06
N LEU A 12 -13.89 1.56 -10.98
CA LEU A 12 -14.11 1.07 -9.61
C LEU A 12 -14.26 2.31 -8.74
N CYS A 13 -15.37 2.40 -8.02
CA CYS A 13 -15.65 3.60 -7.22
C CYS A 13 -16.20 3.23 -5.88
N ASN A 14 -15.31 2.90 -4.97
CA ASN A 14 -15.75 2.51 -3.66
C ASN A 14 -15.73 3.73 -2.77
N TYR A 15 -16.88 4.01 -2.17
CA TYR A 15 -16.97 5.12 -1.25
C TYR A 15 -17.44 4.57 0.06
N HIS A 16 -16.95 5.14 1.16
CA HIS A 16 -17.51 4.90 2.48
C HIS A 16 -18.30 6.13 2.85
N PHE A 17 -19.63 5.99 3.02
CA PHE A 17 -20.45 7.05 3.56
C PHE A 17 -20.68 6.83 5.05
N VAL A 18 -20.64 7.91 5.81
CA VAL A 18 -20.93 7.85 7.24
C VAL A 18 -21.78 9.06 7.62
N TRP A 19 -22.88 8.80 8.30
CA TRP A 19 -23.72 9.87 8.79
C TRP A 19 -24.39 9.47 10.11
N ILE A 20 -25.02 10.46 10.75
CA ILE A 20 -25.59 10.23 12.08
C ILE A 20 -27.05 10.65 12.21
N PRO A 21 -27.75 10.12 13.22
CA PRO A 21 -29.04 10.69 13.58
C PRO A 21 -28.88 11.91 14.48
N LYS A 22 -29.92 12.75 14.57
CA LYS A 22 -29.93 13.92 15.47
C LYS A 22 -29.93 13.45 16.95
N TYR A 23 -30.91 12.62 17.29
CA TYR A 23 -31.09 12.13 18.68
C TYR A 23 -30.34 10.81 18.87
N ARG A 24 -30.40 10.26 20.09
CA ARG A 24 -29.49 9.20 20.50
C ARG A 24 -30.25 8.07 21.20
N ARG A 25 -30.93 8.45 22.27
CA ARG A 25 -31.78 7.60 23.10
C ARG A 25 -32.32 6.42 22.30
N LYS A 26 -31.51 5.38 22.24
CA LYS A 26 -31.75 4.16 21.45
C LYS A 26 -32.73 4.38 20.28
N VAL A 27 -32.37 5.30 19.38
CA VAL A 27 -33.20 5.68 18.23
C VAL A 27 -33.01 4.72 17.04
N LEU A 28 -31.76 4.37 16.77
CA LEU A 28 -31.41 3.36 15.77
C LEU A 28 -31.15 2.02 16.44
N THR A 29 -32.18 1.19 16.56
CA THR A 29 -32.00 -0.12 17.18
C THR A 29 -33.06 -1.16 16.83
N GLY A 30 -32.66 -2.43 16.97
CA GLY A 30 -33.53 -3.60 16.85
C GLY A 30 -34.54 -3.57 15.74
N GLU A 31 -35.72 -3.01 16.05
CA GLU A 31 -36.84 -2.88 15.11
C GLU A 31 -36.44 -1.98 13.95
N VAL A 32 -35.87 -0.83 14.27
CA VAL A 32 -35.45 0.15 13.28
C VAL A 32 -34.22 -0.38 12.55
N ALA A 33 -33.12 -0.51 13.29
CA ALA A 33 -31.84 -0.98 12.76
C ALA A 33 -31.97 -2.07 11.72
N GLU A 34 -32.99 -2.92 11.83
CA GLU A 34 -33.23 -3.98 10.85
C GLU A 34 -33.76 -3.45 9.52
N TYR A 35 -34.57 -2.39 9.58
CA TYR A 35 -35.19 -1.83 8.40
C TYR A 35 -34.22 -0.91 7.73
N THR A 36 -33.49 -0.16 8.56
CA THR A 36 -32.42 0.69 8.11
C THR A 36 -31.45 -0.15 7.27
N LYS A 37 -30.90 -1.22 7.86
CA LYS A 37 -30.03 -2.11 7.11
C LYS A 37 -30.70 -2.67 5.86
N GLU A 38 -32.01 -2.56 5.76
CA GLU A 38 -32.68 -3.20 4.64
C GLU A 38 -33.13 -2.24 3.52
N VAL A 39 -33.49 -1.00 3.90
CA VAL A 39 -33.84 0.03 2.93
C VAL A 39 -32.62 0.54 2.16
N LEU A 40 -31.50 0.70 2.86
CA LEU A 40 -30.27 1.14 2.23
C LEU A 40 -29.81 0.15 1.16
N ARG A 41 -29.86 -1.15 1.49
CA ARG A 41 -29.67 -2.24 0.53
C ARG A 41 -30.59 -2.06 -0.66
N THR A 42 -31.86 -1.83 -0.36
CA THR A 42 -32.82 -1.57 -1.42
C THR A 42 -32.38 -0.40 -2.32
N ILE A 43 -32.09 0.74 -1.69
CA ILE A 43 -31.75 1.99 -2.37
C ILE A 43 -30.48 1.82 -3.16
N ALA A 44 -29.56 1.04 -2.61
CA ALA A 44 -28.33 0.70 -3.32
C ALA A 44 -28.63 -0.04 -4.64
N GLU A 45 -29.49 -1.05 -4.60
CA GLU A 45 -29.85 -1.76 -5.80
C GLU A 45 -30.68 -0.90 -6.75
N GLU A 46 -31.41 0.04 -6.18
CA GLU A 46 -32.14 1.02 -6.98
C GLU A 46 -31.22 1.89 -7.85
N LEU A 47 -29.98 2.08 -7.42
CA LEU A 47 -29.07 2.96 -8.10
C LEU A 47 -28.05 2.26 -8.97
N GLY A 48 -27.99 0.94 -8.87
CA GLY A 48 -26.94 0.19 -9.53
C GLY A 48 -25.71 0.01 -8.66
N CYS A 49 -25.72 0.60 -7.47
CA CYS A 49 -24.59 0.42 -6.56
C CYS A 49 -24.72 -0.92 -5.90
N GLU A 50 -23.60 -1.45 -5.45
CA GLU A 50 -23.61 -2.74 -4.83
C GLU A 50 -22.83 -2.67 -3.50
N VAL A 51 -23.54 -2.95 -2.41
CA VAL A 51 -23.08 -2.75 -1.05
C VAL A 51 -21.90 -3.67 -0.73
N LEU A 52 -20.84 -3.13 -0.15
CA LEU A 52 -19.69 -3.96 0.21
C LEU A 52 -19.60 -4.20 1.72
N ALA A 53 -20.18 -3.31 2.51
CA ALA A 53 -20.35 -3.47 3.96
C ALA A 53 -21.34 -2.42 4.42
N LEU A 54 -22.17 -2.76 5.40
CA LEU A 54 -23.09 -1.80 5.99
C LEU A 54 -23.34 -2.09 7.45
N GLU A 55 -23.05 -1.11 8.29
CA GLU A 55 -23.27 -1.24 9.71
C GLU A 55 -24.12 -0.07 10.22
N VAL A 56 -25.05 -0.40 11.12
CA VAL A 56 -25.97 0.54 11.75
C VAL A 56 -25.89 0.40 13.28
N MET A 57 -25.04 1.22 13.88
CA MET A 57 -24.99 1.37 15.32
C MET A 57 -25.75 2.66 15.68
N PRO A 58 -26.57 2.64 16.75
CA PRO A 58 -27.31 3.82 17.26
C PRO A 58 -26.67 5.17 16.97
N ASP A 59 -25.35 5.24 17.09
CA ASP A 59 -24.56 6.47 16.92
C ASP A 59 -24.24 6.86 15.46
N HIS A 60 -24.22 5.86 14.58
CA HIS A 60 -23.76 6.07 13.20
C HIS A 60 -24.19 4.99 12.20
N ILE A 61 -24.31 5.40 10.94
CA ILE A 61 -24.37 4.47 9.82
C ILE A 61 -23.00 4.46 9.21
N HIS A 62 -22.54 3.29 8.78
CA HIS A 62 -21.40 3.25 7.90
C HIS A 62 -21.63 2.33 6.73
N LEU A 63 -22.21 2.91 5.67
CA LEU A 63 -22.38 2.22 4.42
C LEU A 63 -21.13 2.31 3.57
N PHE A 64 -20.65 1.17 3.07
CA PHE A 64 -19.50 1.10 2.17
C PHE A 64 -19.87 0.53 0.79
N VAL A 65 -20.21 1.41 -0.16
CA VAL A 65 -20.73 1.03 -1.49
C VAL A 65 -19.72 1.16 -2.61
N ASN A 66 -19.87 0.32 -3.63
CA ASN A 66 -19.15 0.47 -4.91
C ASN A 66 -20.15 0.93 -5.95
N CYS A 67 -19.90 2.07 -6.60
CA CYS A 67 -20.92 2.72 -7.45
C CYS A 67 -20.50 3.07 -8.87
N PRO A 68 -21.48 3.14 -9.79
CA PRO A 68 -21.35 3.63 -11.16
C PRO A 68 -20.74 5.04 -11.23
N PRO A 69 -19.95 5.31 -12.28
CA PRO A 69 -19.23 6.57 -12.40
C PRO A 69 -20.13 7.78 -12.57
N ARG A 70 -21.41 7.56 -12.88
CA ARG A 70 -22.34 8.64 -13.20
C ARG A 70 -22.91 9.37 -11.97
N TYR A 71 -22.75 8.77 -10.79
CA TYR A 71 -23.22 9.40 -9.58
C TYR A 71 -22.11 10.17 -8.88
N ALA A 72 -22.41 11.43 -8.56
CA ALA A 72 -21.52 12.23 -7.73
C ALA A 72 -21.74 11.94 -6.24
N PRO A 73 -20.65 11.70 -5.49
CA PRO A 73 -20.71 11.49 -4.02
C PRO A 73 -21.82 12.28 -3.32
N SER A 74 -21.95 13.57 -3.60
CA SER A 74 -23.05 14.31 -3.01
C SER A 74 -24.40 13.69 -3.36
N TYR A 75 -24.67 13.55 -4.65
CA TYR A 75 -25.94 13.04 -5.08
C TYR A 75 -26.26 11.70 -4.38
N LEU A 76 -25.25 10.87 -4.20
CA LEU A 76 -25.46 9.62 -3.49
C LEU A 76 -25.73 9.88 -2.03
N ALA A 77 -24.90 10.70 -1.40
CA ALA A 77 -24.98 10.87 0.03
C ALA A 77 -26.35 11.41 0.41
N ASN A 78 -26.85 12.38 -0.35
CA ASN A 78 -28.18 12.92 -0.08
C ASN A 78 -29.26 11.90 -0.45
N TYR A 79 -28.93 11.00 -1.37
CA TYR A 79 -29.87 10.00 -1.86
C TYR A 79 -30.14 8.89 -0.84
N PHE A 80 -29.10 8.20 -0.40
CA PHE A 80 -29.28 7.23 0.65
C PHE A 80 -29.98 7.86 1.86
N LYS A 81 -29.35 8.85 2.48
CA LYS A 81 -29.87 9.55 3.66
C LYS A 81 -31.28 10.09 3.49
N GLY A 82 -31.50 10.79 2.39
CA GLY A 82 -32.77 11.45 2.15
C GLY A 82 -33.89 10.48 1.89
N LYS A 83 -33.56 9.42 1.17
CA LYS A 83 -34.56 8.45 0.73
C LYS A 83 -34.88 7.49 1.86
N SER A 84 -33.86 7.17 2.68
CA SER A 84 -34.02 6.29 3.84
C SER A 84 -34.84 6.99 4.91
N ALA A 85 -34.57 8.28 5.14
CA ALA A 85 -35.36 9.05 6.07
C ALA A 85 -36.84 8.90 5.71
N ARG A 86 -37.15 9.11 4.45
CA ARG A 86 -38.52 9.15 3.98
C ARG A 86 -39.31 7.86 4.22
N LEU A 87 -38.60 6.72 4.20
CA LEU A 87 -39.25 5.40 4.37
C LEU A 87 -39.35 5.03 5.84
N ILE A 88 -38.19 5.06 6.51
CA ILE A 88 -38.08 4.70 7.92
C ILE A 88 -39.16 5.43 8.71
N LEU A 89 -39.32 6.73 8.44
CA LEU A 89 -40.36 7.54 9.06
C LEU A 89 -41.74 6.94 8.79
N LYS A 90 -41.96 6.49 7.56
CA LYS A 90 -43.27 5.96 7.21
C LYS A 90 -43.59 4.72 8.04
N LYS A 91 -42.77 3.69 7.99
CA LYS A 91 -43.15 2.47 8.70
C LYS A 91 -42.73 2.47 10.17
N PHE A 92 -42.43 3.66 10.70
CA PHE A 92 -42.11 3.86 12.14
C PHE A 92 -42.66 5.17 12.64
N GLN A 93 -43.93 5.40 12.32
CA GLN A 93 -44.67 6.61 12.73
C GLN A 93 -44.47 7.03 14.18
N GLU A 94 -44.24 6.05 15.06
CA GLU A 94 -43.96 6.31 16.45
C GLU A 94 -42.72 7.20 16.60
N LEU A 95 -41.73 6.97 15.73
CA LEU A 95 -40.50 7.72 15.73
C LEU A 95 -40.64 9.01 14.96
N LYS A 96 -41.55 9.03 13.99
CA LYS A 96 -41.82 10.26 13.25
C LYS A 96 -42.30 11.31 14.26
N LYS A 97 -43.08 10.85 15.24
CA LYS A 97 -43.63 11.71 16.28
C LYS A 97 -42.53 12.24 17.21
N SER A 98 -41.80 11.31 17.84
CA SER A 98 -40.76 11.64 18.80
C SER A 98 -39.49 12.12 18.08
N THR A 99 -39.67 12.90 17.02
CA THR A 99 -38.58 13.41 16.17
C THR A 99 -39.01 14.62 15.31
N ASN A 100 -40.26 14.61 14.85
CA ASN A 100 -40.79 15.59 13.90
C ASN A 100 -40.08 15.64 12.54
N GLY A 101 -40.05 14.51 11.86
CA GLY A 101 -39.40 14.35 10.55
C GLY A 101 -37.97 14.85 10.58
N LYS A 102 -37.18 14.30 11.48
CA LYS A 102 -35.79 14.71 11.62
C LYS A 102 -34.96 13.49 11.97
N LEU A 103 -34.66 12.66 10.96
CA LEU A 103 -33.97 11.39 11.18
C LEU A 103 -32.46 11.51 11.14
N TRP A 104 -31.96 12.40 10.29
CA TRP A 104 -30.51 12.65 10.19
C TRP A 104 -30.20 14.13 10.31
N THR A 105 -28.97 14.41 10.74
CA THR A 105 -28.42 15.75 10.67
C THR A 105 -28.02 15.98 9.22
N ARG A 106 -27.75 17.23 8.82
CA ARG A 106 -27.52 17.52 7.41
C ARG A 106 -26.03 17.63 7.09
N SER A 107 -25.26 16.77 7.76
CA SER A 107 -23.86 16.61 7.45
C SER A 107 -23.68 15.19 6.98
N TYR A 108 -22.51 14.90 6.42
CA TYR A 108 -22.12 13.55 6.05
C TYR A 108 -20.63 13.42 5.80
N PHE A 109 -20.17 12.18 5.82
CA PHE A 109 -18.77 11.85 5.61
C PHE A 109 -18.65 10.83 4.48
N VAL A 110 -17.87 11.18 3.45
CA VAL A 110 -17.63 10.31 2.31
C VAL A 110 -16.14 10.12 2.22
N SER A 111 -15.71 8.91 1.90
CA SER A 111 -14.31 8.67 1.63
C SER A 111 -14.06 7.54 0.64
N THR A 112 -13.21 7.83 -0.34
CA THR A 112 -12.88 6.89 -1.40
C THR A 112 -11.99 5.75 -0.91
N SER A 113 -12.16 4.58 -1.54
CA SER A 113 -11.33 3.42 -1.26
C SER A 113 -10.88 2.75 -2.56
N GLY A 114 -9.70 2.13 -2.52
CA GLY A 114 -9.15 1.39 -3.64
C GLY A 114 -7.71 1.75 -3.88
N ASN A 115 -6.89 0.81 -4.34
CA ASN A 115 -5.54 1.14 -4.79
C ASN A 115 -5.56 1.18 -6.29
N VAL A 116 -4.42 1.60 -6.85
CA VAL A 116 -4.09 1.34 -8.23
C VAL A 116 -2.63 0.96 -8.27
N SER A 117 -2.31 -0.14 -8.93
CA SER A 117 -0.94 -0.52 -9.12
C SER A 117 -0.61 -0.27 -10.58
N SER A 118 0.67 -0.18 -10.88
CA SER A 118 1.13 -0.06 -12.25
C SER A 118 0.60 -1.18 -13.17
N GLU A 119 0.59 -2.41 -12.67
CA GLU A 119 0.09 -3.54 -13.47
C GLU A 119 -1.29 -3.22 -13.98
N THR A 120 -2.13 -2.67 -13.09
CA THR A 120 -3.51 -2.38 -13.43
C THR A 120 -3.53 -1.40 -14.60
N ILE A 121 -2.77 -0.32 -14.44
CA ILE A 121 -2.76 0.74 -15.43
C ILE A 121 -2.28 0.26 -16.80
N LYS A 122 -1.16 -0.46 -16.83
CA LYS A 122 -0.66 -0.99 -18.10
C LYS A 122 -1.73 -1.83 -18.80
N LYS A 123 -2.28 -2.81 -18.07
CA LYS A 123 -3.36 -3.68 -18.55
C LYS A 123 -4.50 -2.92 -19.23
N TYR A 124 -4.81 -1.74 -18.72
CA TYR A 124 -5.91 -0.97 -19.30
C TYR A 124 -5.45 -0.33 -20.59
N ILE A 125 -4.26 0.24 -20.55
CA ILE A 125 -3.68 0.89 -21.73
C ILE A 125 -3.58 -0.18 -22.76
N GLU A 126 -3.01 -1.30 -22.34
CA GLU A 126 -2.65 -2.40 -23.23
C GLU A 126 -3.85 -3.08 -23.88
N GLU A 127 -5.02 -3.02 -23.27
CA GLU A 127 -6.21 -3.61 -23.90
C GLU A 127 -7.05 -2.57 -24.66
N GLN A 128 -6.64 -1.31 -24.60
CA GLN A 128 -7.37 -0.24 -25.29
C GLN A 128 -6.87 -0.07 -26.69
N TRP A 129 -5.78 -0.76 -27.04
CA TRP A 129 -5.19 -0.59 -28.37
C TRP A 129 -5.97 -1.29 -29.49
N ALA A 130 -6.30 -2.55 -29.28
CA ALA A 130 -7.03 -3.32 -30.30
C ALA A 130 -8.39 -2.71 -30.66
N MET B 1 -4.96 -2.65 7.86
CA MET B 1 -4.08 -2.82 9.07
C MET B 1 -4.70 -2.24 10.37
N GLU B 2 -5.87 -2.79 10.70
CA GLU B 2 -6.64 -2.48 11.91
C GLU B 2 -6.49 -3.66 12.90
N TYR B 3 -6.03 -3.39 14.11
CA TYR B 3 -5.68 -4.48 15.04
C TYR B 3 -6.78 -4.87 16.04
N LYS B 4 -6.77 -6.12 16.49
CA LYS B 4 -7.70 -6.64 17.53
C LYS B 4 -6.94 -7.33 18.65
N SER B 5 -7.60 -7.61 19.78
CA SER B 5 -6.95 -8.30 20.90
C SER B 5 -7.79 -9.41 21.56
N THR B 6 -7.23 -10.62 21.61
CA THR B 6 -7.83 -11.72 22.40
C THR B 6 -7.19 -11.69 23.78
N ARG B 7 -7.58 -12.63 24.65
CA ARG B 7 -7.14 -12.58 26.05
C ARG B 7 -5.68 -12.18 26.27
N HIS B 8 -4.76 -12.88 25.64
CA HIS B 8 -3.36 -12.52 25.83
C HIS B 8 -2.58 -12.36 24.51
N ALA B 9 -3.28 -11.81 23.50
CA ALA B 9 -2.66 -11.52 22.20
C ALA B 9 -3.22 -10.26 21.54
N LYS B 10 -2.36 -9.60 20.77
CA LYS B 10 -2.73 -8.52 19.88
C LYS B 10 -2.38 -9.03 18.48
N TYR B 11 -3.32 -8.97 17.55
CA TYR B 11 -3.15 -9.70 16.31
C TYR B 11 -3.76 -9.04 15.11
N LEU B 12 -3.25 -9.46 13.95
CA LEU B 12 -3.83 -9.19 12.64
C LEU B 12 -3.50 -10.40 11.74
N CYS B 13 -4.53 -11.11 11.32
CA CYS B 13 -4.31 -12.34 10.59
C CYS B 13 -5.15 -12.32 9.35
N ASN B 14 -4.63 -11.74 8.29
CA ASN B 14 -5.34 -11.65 7.03
C ASN B 14 -4.93 -12.74 6.09
N TYR B 15 -5.91 -13.48 5.61
CA TYR B 15 -5.63 -14.57 4.72
C TYR B 15 -6.46 -14.46 3.46
N HIS B 16 -5.76 -14.58 2.35
CA HIS B 16 -6.44 -14.76 1.09
C HIS B 16 -6.61 -16.24 0.90
N PHE B 17 -7.85 -16.65 0.71
CA PHE B 17 -8.21 -18.03 0.46
C PHE B 17 -8.88 -18.18 -0.89
N VAL B 18 -8.35 -19.10 -1.69
CA VAL B 18 -8.90 -19.36 -2.99
C VAL B 18 -9.01 -20.86 -3.17
N TRP B 19 -10.11 -21.26 -3.81
CA TRP B 19 -10.25 -22.62 -4.34
C TRP B 19 -11.25 -22.61 -5.50
N ILE B 20 -11.22 -23.69 -6.29
CA ILE B 20 -12.15 -23.86 -7.39
C ILE B 20 -13.14 -24.96 -7.01
N PRO B 21 -14.25 -25.10 -7.76
CA PRO B 21 -15.05 -26.31 -7.68
C PRO B 21 -14.60 -27.38 -8.69
N LYS B 22 -14.89 -28.64 -8.43
CA LYS B 22 -14.51 -29.73 -9.34
C LYS B 22 -15.30 -29.69 -10.67
N TYR B 23 -16.40 -28.95 -10.65
CA TYR B 23 -17.13 -28.68 -11.87
C TYR B 23 -17.18 -27.17 -12.03
N ARG B 24 -17.24 -26.73 -13.28
CA ARG B 24 -17.04 -25.33 -13.61
C ARG B 24 -18.03 -24.92 -14.72
N ARG B 25 -19.17 -25.61 -14.76
CA ARG B 25 -20.14 -25.50 -15.87
C ARG B 25 -20.93 -24.19 -15.79
N LYS B 26 -22.12 -24.27 -15.20
CA LYS B 26 -22.94 -23.09 -14.94
C LYS B 26 -23.13 -23.04 -13.44
N VAL B 27 -22.27 -23.79 -12.72
CA VAL B 27 -22.41 -24.08 -11.28
C VAL B 27 -22.52 -22.85 -10.36
N LEU B 28 -21.40 -22.19 -10.09
CA LEU B 28 -21.39 -21.13 -9.08
C LEU B 28 -22.34 -19.98 -9.41
N THR B 29 -21.94 -19.07 -10.28
CA THR B 29 -22.78 -17.88 -10.54
C THR B 29 -24.22 -18.23 -10.98
N GLY B 30 -25.16 -17.57 -10.31
CA GLY B 30 -26.59 -17.87 -10.37
C GLY B 30 -27.14 -17.51 -9.00
N GLU B 31 -28.32 -18.02 -8.66
CA GLU B 31 -28.86 -17.95 -7.27
C GLU B 31 -27.88 -18.67 -6.32
N VAL B 32 -27.21 -19.68 -6.87
CA VAL B 32 -26.19 -20.43 -6.14
C VAL B 32 -25.04 -19.55 -5.66
N ALA B 33 -24.43 -18.78 -6.58
CA ALA B 33 -23.39 -17.81 -6.22
C ALA B 33 -23.81 -16.89 -5.07
N GLU B 34 -25.05 -16.39 -5.11
CA GLU B 34 -25.60 -15.56 -4.04
C GLU B 34 -25.69 -16.33 -2.72
N TYR B 35 -26.21 -17.55 -2.78
CA TYR B 35 -26.29 -18.40 -1.60
C TYR B 35 -24.90 -18.67 -1.01
N THR B 36 -23.94 -18.97 -1.88
CA THR B 36 -22.56 -19.24 -1.47
C THR B 36 -21.97 -18.05 -0.74
N LYS B 37 -22.09 -16.86 -1.34
CA LYS B 37 -21.72 -15.60 -0.71
C LYS B 37 -22.33 -15.57 0.68
N GLU B 38 -23.63 -15.85 0.75
CA GLU B 38 -24.36 -15.80 2.03
C GLU B 38 -23.77 -16.73 3.12
N VAL B 39 -23.62 -18.01 2.79
CA VAL B 39 -23.24 -19.02 3.77
C VAL B 39 -21.79 -18.90 4.25
N LEU B 40 -20.93 -18.32 3.41
CA LEU B 40 -19.53 -18.17 3.75
C LEU B 40 -19.34 -17.00 4.67
N ARG B 41 -20.15 -15.97 4.49
CA ARG B 41 -20.16 -14.85 5.42
C ARG B 41 -20.44 -15.36 6.82
N THR B 42 -21.53 -16.11 6.97
CA THR B 42 -21.85 -16.66 8.26
C THR B 42 -20.79 -17.67 8.74
N ILE B 43 -20.22 -18.45 7.83
CA ILE B 43 -19.16 -19.38 8.25
C ILE B 43 -17.96 -18.62 8.84
N ALA B 44 -17.69 -17.42 8.31
CA ALA B 44 -16.67 -16.55 8.85
C ALA B 44 -17.03 -16.10 10.28
N GLU B 45 -18.24 -15.57 10.44
CA GLU B 45 -18.68 -14.97 11.71
C GLU B 45 -18.80 -16.02 12.79
N GLU B 46 -19.42 -17.15 12.43
CA GLU B 46 -19.53 -18.30 13.31
C GLU B 46 -18.18 -18.59 13.97
N LEU B 47 -17.12 -18.29 13.23
CA LEU B 47 -15.76 -18.59 13.67
C LEU B 47 -15.06 -17.47 14.43
N GLY B 48 -15.58 -16.26 14.28
CA GLY B 48 -14.93 -15.06 14.77
C GLY B 48 -14.12 -14.33 13.72
N CYS B 49 -14.33 -14.64 12.44
CA CYS B 49 -13.57 -14.02 11.35
C CYS B 49 -14.43 -12.94 10.72
N GLU B 50 -13.82 -11.82 10.31
CA GLU B 50 -14.55 -10.83 9.52
C GLU B 50 -14.21 -10.98 8.06
N VAL B 51 -15.24 -10.92 7.21
CA VAL B 51 -15.00 -10.94 5.78
C VAL B 51 -14.58 -9.53 5.34
N LEU B 52 -13.44 -9.46 4.64
CA LEU B 52 -12.98 -8.20 4.07
C LEU B 52 -13.26 -8.15 2.55
N ALA B 53 -13.36 -9.30 1.90
CA ALA B 53 -13.61 -9.35 0.46
C ALA B 53 -14.01 -10.75 0.06
N LEU B 54 -15.09 -10.87 -0.68
CA LEU B 54 -15.51 -12.17 -1.11
C LEU B 54 -16.12 -12.07 -2.50
N GLU B 55 -15.60 -12.88 -3.40
CA GLU B 55 -16.12 -12.88 -4.75
C GLU B 55 -16.29 -14.31 -5.26
N VAL B 56 -17.42 -14.55 -5.90
CA VAL B 56 -17.88 -15.89 -6.18
C VAL B 56 -18.21 -16.00 -7.66
N MET B 57 -17.18 -16.21 -8.48
CA MET B 57 -17.35 -16.28 -9.93
C MET B 57 -17.44 -17.76 -10.27
N PRO B 58 -17.81 -18.13 -11.53
CA PRO B 58 -18.16 -19.52 -11.84
C PRO B 58 -16.98 -20.50 -11.89
N ASP B 59 -15.78 -19.93 -11.81
CA ASP B 59 -14.55 -20.73 -11.89
C ASP B 59 -13.80 -20.83 -10.54
N HIS B 60 -14.09 -19.90 -9.62
CA HIS B 60 -13.37 -19.84 -8.34
C HIS B 60 -14.06 -19.02 -7.24
N ILE B 61 -13.79 -19.40 -5.99
CA ILE B 61 -14.11 -18.56 -4.81
C ILE B 61 -12.83 -17.87 -4.37
N HIS B 62 -12.91 -16.59 -4.10
CA HIS B 62 -11.80 -15.91 -3.45
C HIS B 62 -12.31 -15.26 -2.19
N LEU B 63 -11.91 -15.84 -1.07
CA LEU B 63 -12.31 -15.32 0.23
C LEU B 63 -11.11 -14.74 0.93
N PHE B 64 -11.15 -13.42 1.09
CA PHE B 64 -10.14 -12.70 1.83
C PHE B 64 -10.72 -12.44 3.21
N VAL B 65 -9.97 -12.78 4.26
CA VAL B 65 -10.52 -12.79 5.61
C VAL B 65 -9.54 -12.48 6.77
N ASN B 66 -10.09 -11.88 7.82
CA ASN B 66 -9.38 -11.64 9.06
C ASN B 66 -9.84 -12.60 10.12
N CYS B 67 -8.90 -13.30 10.75
CA CYS B 67 -9.21 -14.41 11.66
C CYS B 67 -8.38 -14.42 12.95
N PRO B 68 -8.98 -14.89 14.06
CA PRO B 68 -8.26 -14.94 15.35
C PRO B 68 -7.12 -15.96 15.35
N PRO B 69 -6.01 -15.65 16.03
CA PRO B 69 -4.81 -16.48 16.00
C PRO B 69 -4.95 -17.96 16.36
N ARG B 70 -6.09 -18.39 16.91
CA ARG B 70 -6.21 -19.80 17.33
C ARG B 70 -6.30 -20.78 16.15
N TYR B 71 -6.77 -20.28 15.02
CA TYR B 71 -6.98 -21.10 13.85
C TYR B 71 -5.76 -21.14 12.92
N ALA B 72 -5.29 -22.35 12.65
CA ALA B 72 -4.31 -22.57 11.59
C ALA B 72 -5.06 -22.37 10.31
N PRO B 73 -4.40 -21.75 9.30
CA PRO B 73 -4.93 -21.56 7.96
C PRO B 73 -5.57 -22.81 7.39
N SER B 74 -4.85 -23.93 7.45
CA SER B 74 -5.39 -25.17 6.89
C SER B 74 -6.69 -25.57 7.57
N TYR B 75 -6.78 -25.42 8.92
CA TYR B 75 -8.07 -25.61 9.61
C TYR B 75 -9.17 -24.75 8.96
N LEU B 76 -8.86 -23.51 8.61
CA LEU B 76 -9.84 -22.56 8.12
C LEU B 76 -10.27 -22.89 6.71
N ALA B 77 -9.27 -22.93 5.82
CA ALA B 77 -9.43 -23.38 4.44
C ALA B 77 -10.32 -24.59 4.41
N ASN B 78 -10.23 -25.41 5.44
CA ASN B 78 -10.99 -26.63 5.45
C ASN B 78 -12.34 -26.49 6.07
N TYR B 79 -12.42 -25.62 7.09
CA TYR B 79 -13.65 -25.44 7.76
C TYR B 79 -14.55 -24.78 6.73
N PHE B 80 -14.06 -23.69 6.16
CA PHE B 80 -14.77 -22.99 5.11
C PHE B 80 -15.33 -23.89 4.02
N LYS B 81 -14.47 -24.73 3.42
CA LYS B 81 -14.89 -25.50 2.27
C LYS B 81 -15.93 -26.50 2.75
N GLY B 82 -15.58 -27.29 3.76
CA GLY B 82 -16.43 -28.35 4.28
C GLY B 82 -17.84 -27.90 4.55
N LYS B 83 -17.98 -26.97 5.47
CA LYS B 83 -19.29 -26.58 5.97
C LYS B 83 -20.13 -25.91 4.88
N SER B 84 -19.51 -25.02 4.10
CA SER B 84 -20.19 -24.43 2.93
C SER B 84 -20.64 -25.47 1.92
N ALA B 85 -19.80 -26.45 1.63
CA ALA B 85 -20.22 -27.58 0.82
C ALA B 85 -21.53 -28.11 1.38
N ARG B 86 -21.52 -28.50 2.66
CA ARG B 86 -22.73 -29.02 3.29
C ARG B 86 -23.98 -28.16 3.07
N LEU B 87 -23.90 -26.86 3.35
CA LEU B 87 -25.08 -26.01 3.26
C LEU B 87 -25.62 -25.79 1.85
N ILE B 88 -24.72 -25.72 0.87
CA ILE B 88 -25.13 -25.55 -0.53
C ILE B 88 -25.72 -26.84 -1.12
N LEU B 89 -25.14 -27.99 -0.78
CA LEU B 89 -25.68 -29.26 -1.21
C LEU B 89 -27.04 -29.55 -0.55
N LYS B 90 -27.24 -29.00 0.63
CA LYS B 90 -28.46 -29.28 1.36
C LYS B 90 -29.66 -28.74 0.58
N LYS B 91 -29.54 -27.52 0.10
CA LYS B 91 -30.67 -26.84 -0.52
C LYS B 91 -30.60 -26.76 -2.04
N PHE B 92 -29.54 -27.31 -2.62
CA PHE B 92 -29.44 -27.45 -4.07
C PHE B 92 -29.25 -28.90 -4.42
N GLN B 93 -30.36 -29.63 -4.30
CA GLN B 93 -30.39 -31.08 -4.49
C GLN B 93 -30.08 -31.49 -5.94
N GLU B 94 -30.41 -30.61 -6.88
CA GLU B 94 -29.99 -30.70 -8.26
C GLU B 94 -28.47 -30.71 -8.31
N LEU B 95 -27.87 -29.70 -7.68
CA LEU B 95 -26.44 -29.54 -7.63
C LEU B 95 -25.82 -30.76 -6.97
N LYS B 96 -26.59 -31.39 -6.09
CA LYS B 96 -26.21 -32.64 -5.46
C LYS B 96 -26.35 -33.78 -6.46
N LYS B 97 -27.37 -33.70 -7.32
CA LYS B 97 -27.62 -34.72 -8.36
C LYS B 97 -26.82 -34.49 -9.66
N SER B 98 -25.90 -33.54 -9.63
CA SER B 98 -24.99 -33.29 -10.75
C SER B 98 -23.57 -33.38 -10.24
N THR B 99 -23.38 -32.94 -8.99
CA THR B 99 -22.11 -33.01 -8.28
C THR B 99 -21.83 -34.44 -7.80
N ASN B 100 -22.92 -35.18 -7.50
CA ASN B 100 -22.90 -36.61 -7.11
C ASN B 100 -21.83 -37.07 -6.13
N GLY B 101 -21.08 -36.12 -5.56
CA GLY B 101 -19.93 -36.40 -4.71
C GLY B 101 -19.48 -35.09 -4.10
N LYS B 102 -18.20 -34.77 -4.27
CA LYS B 102 -17.66 -33.48 -3.79
C LYS B 102 -18.31 -32.28 -4.49
N LEU B 103 -18.22 -31.11 -3.86
CA LEU B 103 -18.61 -29.85 -4.48
C LEU B 103 -17.36 -29.15 -5.04
N TRP B 104 -16.21 -29.40 -4.40
CA TRP B 104 -14.94 -28.84 -4.85
C TRP B 104 -13.71 -29.75 -4.73
N THR B 105 -12.58 -29.26 -5.24
CA THR B 105 -11.30 -29.99 -5.24
C THR B 105 -10.76 -30.23 -3.83
N ARG B 106 -9.76 -31.10 -3.73
CA ARG B 106 -9.13 -31.41 -2.45
C ARG B 106 -8.00 -30.40 -2.14
N SER B 107 -8.16 -29.21 -2.70
CA SER B 107 -7.06 -28.27 -2.78
C SER B 107 -7.56 -26.89 -2.39
N TYR B 108 -6.64 -26.04 -1.93
CA TYR B 108 -6.96 -24.66 -1.58
C TYR B 108 -5.72 -23.78 -1.73
N PHE B 109 -5.93 -22.49 -1.93
CA PHE B 109 -4.85 -21.50 -1.93
C PHE B 109 -4.93 -20.56 -0.72
N VAL B 110 -3.78 -20.32 -0.08
CA VAL B 110 -3.74 -19.33 0.97
C VAL B 110 -2.47 -18.50 0.99
N SER B 111 -2.63 -17.24 1.38
CA SER B 111 -1.50 -16.37 1.67
C SER B 111 -1.95 -15.23 2.55
N THR B 112 -1.00 -14.70 3.29
CA THR B 112 -1.27 -13.70 4.30
C THR B 112 -1.04 -12.29 3.78
N SER B 113 -1.77 -11.34 4.35
CA SER B 113 -1.69 -9.95 3.92
C SER B 113 -1.32 -9.04 5.10
N GLY B 114 -0.52 -7.99 4.86
CA GLY B 114 -0.26 -6.96 5.89
C GLY B 114 1.20 -6.62 6.15
N ASN B 115 1.55 -5.33 6.06
CA ASN B 115 2.95 -4.90 6.19
C ASN B 115 3.25 -4.13 7.48
N VAL B 116 4.15 -4.69 8.27
CA VAL B 116 4.37 -4.29 9.66
C VAL B 116 5.61 -3.42 9.81
N SER B 117 5.53 -2.43 10.70
CA SER B 117 6.56 -1.40 10.78
C SER B 117 7.25 -1.28 12.13
N SER B 118 8.56 -0.98 12.10
CA SER B 118 9.35 -0.68 13.31
C SER B 118 8.64 0.30 14.25
N GLU B 119 7.90 1.24 13.66
CA GLU B 119 7.09 2.20 14.42
C GLU B 119 5.82 1.60 14.99
N THR B 120 5.32 0.53 14.37
CA THR B 120 4.10 -0.13 14.87
C THR B 120 4.40 -1.10 16.04
N ILE B 121 5.58 -1.70 15.97
CA ILE B 121 6.10 -2.55 17.04
C ILE B 121 6.12 -1.78 18.35
N LYS B 122 6.94 -0.72 18.39
CA LYS B 122 7.18 0.06 19.60
C LYS B 122 5.91 0.45 20.34
N LYS B 123 4.83 0.62 19.60
CA LYS B 123 3.51 0.85 20.17
C LYS B 123 2.99 -0.38 20.93
N TYR B 124 3.22 -1.58 20.38
CA TYR B 124 2.92 -2.82 21.13
C TYR B 124 3.73 -2.95 22.43
N ILE B 125 5.04 -2.73 22.33
CA ILE B 125 5.96 -2.84 23.47
C ILE B 125 5.55 -1.87 24.56
N GLU B 126 5.24 -0.64 24.13
CA GLU B 126 4.75 0.41 25.01
C GLU B 126 3.54 -0.05 25.79
N GLU B 127 2.49 -0.47 25.08
CA GLU B 127 1.28 -0.98 25.73
C GLU B 127 1.59 -2.04 26.77
N GLN B 128 2.54 -2.92 26.46
CA GLN B 128 2.92 -4.00 27.36
C GLN B 128 3.83 -3.53 28.47
N TRP B 129 4.56 -2.43 28.25
CA TRP B 129 5.37 -1.82 29.33
C TRP B 129 4.51 -1.37 30.49
N ALA B 130 3.36 -0.76 30.15
CA ALA B 130 2.39 -0.28 31.13
C ALA B 130 1.73 -1.40 31.94
N LYS B 131 2.35 -1.76 33.06
CA LYS B 131 1.78 -2.75 34.01
C LYS B 131 2.27 -2.60 35.45
N MET C 1 -5.64 9.67 4.79
CA MET C 1 -4.64 10.78 4.68
C MET C 1 -5.23 12.09 5.25
N GLU C 2 -5.19 13.20 4.52
CA GLU C 2 -5.77 14.45 5.08
C GLU C 2 -7.15 14.83 4.49
N TYR C 3 -8.06 15.29 5.34
CA TYR C 3 -9.46 15.44 4.97
C TYR C 3 -9.88 16.90 4.81
N LYS C 4 -10.42 17.25 3.63
CA LYS C 4 -11.09 18.54 3.44
C LYS C 4 -12.49 18.46 4.01
N SER C 5 -13.11 19.61 4.23
CA SER C 5 -14.45 19.63 4.75
C SER C 5 -15.08 20.98 4.71
N THR C 6 -16.09 21.12 3.88
CA THR C 6 -17.08 22.17 4.11
C THR C 6 -18.00 21.70 5.27
N ARG C 7 -18.82 22.61 5.82
CA ARG C 7 -19.85 22.24 6.83
C ARG C 7 -20.92 21.35 6.19
N HIS C 8 -21.03 21.45 4.87
CA HIS C 8 -21.60 20.41 4.02
C HIS C 8 -21.19 19.01 4.51
N ALA C 9 -19.89 18.74 4.40
CA ALA C 9 -19.36 17.37 4.45
C ALA C 9 -17.87 17.32 4.76
N LYS C 10 -17.46 16.35 5.56
CA LYS C 10 -16.05 16.07 5.73
C LYS C 10 -15.72 14.96 4.75
N TYR C 11 -14.90 15.28 3.76
CA TYR C 11 -14.76 14.41 2.62
C TYR C 11 -13.31 14.16 2.23
N LEU C 12 -13.11 13.12 1.43
CA LEU C 12 -11.85 12.84 0.81
C LEU C 12 -12.12 11.95 -0.38
N CYS C 13 -12.06 12.52 -1.58
CA CYS C 13 -12.40 11.78 -2.77
C CYS C 13 -11.23 11.77 -3.71
N ASN C 14 -10.50 10.67 -3.77
CA ASN C 14 -9.32 10.59 -4.64
C ASN C 14 -9.58 9.68 -5.84
N TYR C 15 -9.44 10.24 -7.04
CA TYR C 15 -9.65 9.44 -8.22
C TYR C 15 -8.39 9.32 -9.03
N HIS C 16 -8.16 8.15 -9.61
CA HIS C 16 -7.13 7.99 -10.62
C HIS C 16 -7.84 7.98 -11.94
N PHE C 17 -7.50 8.90 -12.82
CA PHE C 17 -7.99 8.87 -14.18
C PHE C 17 -6.91 8.40 -15.09
N VAL C 18 -7.28 7.67 -16.13
CA VAL C 18 -6.31 7.11 -17.03
C VAL C 18 -6.96 6.89 -18.38
N TRP C 19 -6.32 7.46 -19.40
CA TRP C 19 -6.86 7.38 -20.75
C TRP C 19 -5.76 7.54 -21.80
N ILE C 20 -6.14 7.20 -23.03
CA ILE C 20 -5.17 7.08 -24.12
C ILE C 20 -5.55 7.96 -25.29
N PRO C 21 -4.56 8.38 -26.10
CA PRO C 21 -4.80 9.18 -27.30
C PRO C 21 -5.41 8.34 -28.39
N LYS C 22 -6.10 8.98 -29.33
CA LYS C 22 -6.79 8.29 -30.43
C LYS C 22 -5.84 7.56 -31.40
N TYR C 23 -4.72 8.19 -31.75
CA TYR C 23 -3.73 7.57 -32.68
C TYR C 23 -2.35 7.43 -32.07
N ARG C 24 -1.92 6.18 -32.01
CA ARG C 24 -0.76 5.73 -31.24
C ARG C 24 0.18 6.78 -30.67
N ARG C 25 1.40 6.85 -31.21
CA ARG C 25 2.51 7.47 -30.49
C ARG C 25 3.33 8.52 -31.29
N LYS C 26 2.64 9.42 -31.99
CA LYS C 26 3.30 10.57 -32.59
C LYS C 26 2.73 11.90 -32.04
N VAL C 27 2.49 11.92 -30.73
CA VAL C 27 1.67 12.98 -30.15
C VAL C 27 2.24 13.53 -28.84
N LEU C 28 1.98 12.82 -27.74
CA LEU C 28 2.27 13.33 -26.42
C LEU C 28 3.76 13.31 -26.13
N THR C 29 4.41 14.40 -26.55
CA THR C 29 5.85 14.49 -26.57
C THR C 29 6.27 15.96 -26.76
N GLY C 30 7.37 16.35 -26.13
CA GLY C 30 7.88 17.72 -26.28
C GLY C 30 6.92 18.79 -25.77
N GLU C 31 6.90 19.94 -26.44
CA GLU C 31 6.05 21.06 -25.98
C GLU C 31 4.62 20.57 -25.67
N VAL C 32 4.08 19.74 -26.58
CA VAL C 32 2.79 19.04 -26.44
C VAL C 32 2.67 18.29 -25.11
N ALA C 33 3.66 17.48 -24.80
CA ALA C 33 3.66 16.83 -23.50
C ALA C 33 3.51 17.88 -22.39
N GLU C 34 4.34 18.93 -22.38
CA GLU C 34 4.27 19.97 -21.31
C GLU C 34 3.01 20.85 -21.22
N TYR C 35 2.48 21.29 -22.35
CA TYR C 35 1.22 22.06 -22.33
C TYR C 35 0.11 21.23 -21.73
N THR C 36 0.07 19.96 -22.11
CA THR C 36 -0.87 19.01 -21.56
C THR C 36 -0.73 18.97 -20.04
N LYS C 37 0.50 18.92 -19.55
CA LYS C 37 0.69 18.92 -18.10
C LYS C 37 0.23 20.25 -17.51
N GLU C 38 0.52 21.35 -18.18
CA GLU C 38 0.03 22.68 -17.77
C GLU C 38 -1.51 22.75 -17.67
N VAL C 39 -2.19 22.43 -18.78
CA VAL C 39 -3.62 22.67 -18.89
C VAL C 39 -4.45 21.91 -17.90
N LEU C 40 -4.15 20.62 -17.74
CA LEU C 40 -4.87 19.74 -16.81
C LEU C 40 -4.64 20.20 -15.37
N ARG C 41 -3.40 20.51 -15.05
CA ARG C 41 -3.05 21.10 -13.75
C ARG C 41 -3.99 22.27 -13.40
N THR C 42 -4.42 23.02 -14.42
CA THR C 42 -5.19 24.22 -14.15
C THR C 42 -6.68 24.01 -14.36
N ILE C 43 -7.04 23.03 -15.18
CA ILE C 43 -8.41 22.52 -15.19
C ILE C 43 -8.72 21.95 -13.79
N ALA C 44 -7.78 21.19 -13.24
CA ALA C 44 -7.87 20.64 -11.90
C ALA C 44 -8.25 21.72 -10.89
N GLU C 45 -7.56 22.85 -10.95
CA GLU C 45 -7.82 23.95 -10.04
C GLU C 45 -8.98 24.86 -10.46
N GLU C 46 -9.41 24.74 -11.69
CA GLU C 46 -10.52 25.56 -12.15
C GLU C 46 -11.80 25.04 -11.50
N LEU C 47 -11.80 23.73 -11.25
CA LEU C 47 -12.91 23.04 -10.63
C LEU C 47 -12.83 23.01 -9.11
N GLY C 48 -11.62 23.21 -8.57
CA GLY C 48 -11.38 23.05 -7.14
C GLY C 48 -10.72 21.73 -6.78
N CYS C 49 -10.28 20.98 -7.78
CA CYS C 49 -9.53 19.76 -7.55
C CYS C 49 -8.05 20.05 -7.28
N GLU C 50 -7.35 19.02 -6.83
CA GLU C 50 -5.93 19.10 -6.56
C GLU C 50 -5.23 18.04 -7.40
N VAL C 51 -4.11 18.38 -8.03
CA VAL C 51 -3.34 17.35 -8.70
C VAL C 51 -2.47 16.67 -7.65
N LEU C 52 -2.61 15.36 -7.52
CA LEU C 52 -1.79 14.61 -6.56
C LEU C 52 -0.62 13.96 -7.27
N ALA C 53 -0.88 13.50 -8.50
CA ALA C 53 0.14 13.04 -9.45
C ALA C 53 -0.41 13.22 -10.86
N LEU C 54 0.50 13.38 -11.81
CA LEU C 54 0.14 13.47 -13.20
C LEU C 54 1.34 13.09 -14.01
N GLU C 55 1.27 11.91 -14.62
CA GLU C 55 2.27 11.55 -15.60
C GLU C 55 1.63 11.50 -16.96
N VAL C 56 2.29 12.15 -17.92
CA VAL C 56 1.94 12.12 -19.34
C VAL C 56 2.98 11.22 -19.96
N MET C 57 2.55 10.41 -20.92
CA MET C 57 3.40 9.49 -21.62
C MET C 57 2.87 9.53 -23.03
N PRO C 58 3.64 8.99 -24.02
CA PRO C 58 3.13 9.07 -25.40
C PRO C 58 1.97 8.10 -25.66
N ASP C 59 1.82 7.11 -24.79
CA ASP C 59 0.76 6.13 -24.95
C ASP C 59 -0.44 6.49 -24.09
N HIS C 60 -0.20 7.18 -22.97
CA HIS C 60 -1.28 7.43 -22.03
C HIS C 60 -1.18 8.69 -21.18
N ILE C 61 -2.30 9.02 -20.54
CA ILE C 61 -2.31 9.99 -19.45
C ILE C 61 -2.79 9.33 -18.16
N HIS C 62 -2.15 9.69 -17.07
CA HIS C 62 -2.54 9.17 -15.78
C HIS C 62 -2.61 10.36 -14.85
N LEU C 63 -3.83 10.72 -14.46
CA LEU C 63 -4.05 11.92 -13.66
C LEU C 63 -4.66 11.56 -12.34
N PHE C 64 -3.89 11.68 -11.27
CA PHE C 64 -4.35 11.36 -9.93
C PHE C 64 -4.72 12.65 -9.20
N VAL C 65 -5.95 12.70 -8.71
CA VAL C 65 -6.57 13.95 -8.25
C VAL C 65 -7.46 13.80 -7.03
N ASN C 66 -7.51 14.87 -6.24
CA ASN C 66 -8.51 15.01 -5.15
C ASN C 66 -9.56 16.02 -5.56
N CYS C 67 -10.81 15.71 -5.31
CA CYS C 67 -11.87 16.48 -5.90
C CYS C 67 -13.06 16.65 -4.99
N PRO C 68 -13.66 17.84 -5.04
CA PRO C 68 -14.90 18.12 -4.34
C PRO C 68 -15.98 17.06 -4.61
N PRO C 69 -16.79 16.77 -3.58
CA PRO C 69 -17.85 15.77 -3.58
C PRO C 69 -18.98 16.00 -4.57
N ARG C 70 -19.12 17.21 -5.09
CA ARG C 70 -20.23 17.51 -6.01
C ARG C 70 -20.01 16.87 -7.41
N TYR C 71 -18.76 16.52 -7.70
CA TYR C 71 -18.37 15.95 -8.99
C TYR C 71 -18.48 14.45 -9.10
N ALA C 72 -19.19 14.03 -10.15
CA ALA C 72 -19.22 12.65 -10.54
C ALA C 72 -17.90 12.25 -11.21
N PRO C 73 -17.43 11.00 -11.01
CA PRO C 73 -16.22 10.61 -11.73
C PRO C 73 -16.39 10.73 -13.24
N SER C 74 -17.58 10.43 -13.74
CA SER C 74 -17.81 10.51 -15.18
C SER C 74 -17.67 11.94 -15.70
N TYR C 75 -18.36 12.87 -15.05
CA TYR C 75 -18.23 14.29 -15.33
C TYR C 75 -16.78 14.76 -15.33
N LEU C 76 -16.01 14.31 -14.33
CA LEU C 76 -14.60 14.68 -14.20
C LEU C 76 -13.85 14.14 -15.41
N ALA C 77 -14.00 12.86 -15.69
CA ALA C 77 -13.29 12.29 -16.84
C ALA C 77 -13.58 13.09 -18.12
N ASN C 78 -14.84 13.24 -18.48
CA ASN C 78 -15.20 13.97 -19.68
C ASN C 78 -14.76 15.44 -19.66
N TYR C 79 -14.55 15.98 -18.46
CA TYR C 79 -14.16 17.40 -18.32
C TYR C 79 -12.70 17.62 -18.61
N PHE C 80 -11.84 16.98 -17.84
CA PHE C 80 -10.41 16.93 -18.15
C PHE C 80 -10.17 16.61 -19.63
N LYS C 81 -10.70 15.49 -20.10
CA LYS C 81 -10.55 15.10 -21.52
C LYS C 81 -11.09 16.14 -22.51
N GLY C 82 -12.35 16.53 -22.33
CA GLY C 82 -13.01 17.52 -23.18
C GLY C 82 -12.23 18.79 -23.36
N LYS C 83 -11.86 19.42 -22.24
CA LYS C 83 -11.28 20.75 -22.26
C LYS C 83 -9.78 20.77 -22.58
N SER C 84 -9.07 19.69 -22.25
CA SER C 84 -7.69 19.53 -22.68
C SER C 84 -7.64 19.40 -24.21
N ALA C 85 -8.54 18.58 -24.76
CA ALA C 85 -8.62 18.45 -26.21
C ALA C 85 -8.72 19.82 -26.87
N ARG C 86 -9.66 20.65 -26.41
CA ARG C 86 -9.88 21.94 -27.05
C ARG C 86 -8.64 22.82 -26.93
N LEU C 87 -7.98 22.74 -25.79
CA LEU C 87 -6.86 23.63 -25.52
C LEU C 87 -5.62 23.30 -26.34
N ILE C 88 -5.09 22.12 -26.11
CA ILE C 88 -4.04 21.51 -26.93
C ILE C 88 -4.21 21.79 -28.43
N LEU C 89 -5.31 21.35 -29.04
CA LEU C 89 -5.49 21.56 -30.48
C LEU C 89 -5.54 23.03 -30.95
N LYS C 90 -6.03 23.96 -30.13
CA LYS C 90 -6.01 25.39 -30.49
C LYS C 90 -4.63 26.00 -30.21
N LYS C 91 -3.76 25.22 -29.60
CA LYS C 91 -2.41 25.64 -29.28
C LYS C 91 -1.41 24.88 -30.17
N PHE C 92 -1.89 23.82 -30.81
CA PHE C 92 -1.08 23.02 -31.72
C PHE C 92 -1.92 22.65 -32.94
N GLN C 93 -2.26 23.66 -33.73
CA GLN C 93 -3.00 23.51 -35.01
C GLN C 93 -2.52 22.33 -35.86
N GLU C 94 -1.24 22.02 -35.76
CA GLU C 94 -0.66 20.90 -36.47
C GLU C 94 -1.49 19.68 -36.14
N LEU C 95 -1.59 19.39 -34.83
CA LEU C 95 -2.26 18.19 -34.31
C LEU C 95 -3.70 18.07 -34.78
N LYS C 96 -4.48 19.10 -34.48
CA LYS C 96 -5.89 19.16 -34.90
C LYS C 96 -6.12 18.52 -36.27
N LYS C 97 -5.19 18.75 -37.19
CA LYS C 97 -5.37 18.43 -38.60
C LYS C 97 -5.10 16.94 -38.87
N SER C 98 -4.06 16.40 -38.26
CA SER C 98 -3.63 15.00 -38.42
C SER C 98 -4.31 14.02 -37.47
N THR C 99 -4.88 14.56 -36.39
CA THR C 99 -5.74 13.79 -35.48
C THR C 99 -7.18 14.01 -35.91
N ASN C 100 -7.34 14.65 -37.07
CA ASN C 100 -8.62 14.81 -37.76
C ASN C 100 -9.67 15.45 -36.88
N GLY C 101 -9.24 15.91 -35.71
CA GLY C 101 -10.11 16.43 -34.66
C GLY C 101 -10.02 15.59 -33.40
N LYS C 102 -10.14 14.28 -33.58
CA LYS C 102 -10.16 13.35 -32.48
C LYS C 102 -8.75 13.23 -31.88
N LEU C 103 -8.47 13.99 -30.82
CA LEU C 103 -7.27 13.79 -29.99
C LEU C 103 -7.39 12.59 -29.02
N TRP C 104 -8.56 12.42 -28.38
CA TRP C 104 -8.78 11.26 -27.50
C TRP C 104 -9.65 10.19 -28.14
N THR C 105 -9.84 9.08 -27.42
CA THR C 105 -10.88 8.11 -27.77
C THR C 105 -12.04 8.44 -26.83
N ARG C 106 -13.22 7.86 -27.09
CA ARG C 106 -14.37 8.11 -26.22
C ARG C 106 -14.41 7.16 -25.00
N SER C 107 -13.25 6.61 -24.62
CA SER C 107 -13.11 5.72 -23.45
C SER C 107 -12.18 6.26 -22.37
N TYR C 108 -12.39 5.81 -21.14
CA TYR C 108 -11.55 6.22 -20.01
C TYR C 108 -11.50 5.18 -18.91
N PHE C 109 -10.53 5.32 -18.00
CA PHE C 109 -10.43 4.47 -16.82
C PHE C 109 -10.40 5.32 -15.53
N VAL C 110 -11.23 4.93 -14.56
CA VAL C 110 -11.28 5.61 -13.28
C VAL C 110 -11.28 4.65 -12.09
N SER C 111 -10.47 4.95 -11.09
CA SER C 111 -10.31 4.10 -9.93
C SER C 111 -10.15 4.93 -8.65
N THR C 112 -11.01 4.64 -7.69
CA THR C 112 -10.99 5.31 -6.41
C THR C 112 -9.80 4.84 -5.59
N SER C 113 -9.45 5.65 -4.59
CA SER C 113 -8.27 5.38 -3.80
C SER C 113 -8.37 5.91 -2.38
N GLY C 114 -7.55 5.35 -1.50
CA GLY C 114 -7.62 5.63 -0.09
C GLY C 114 -8.02 4.36 0.60
N ASN C 115 -7.57 4.18 1.83
CA ASN C 115 -7.89 3.01 2.62
C ASN C 115 -8.31 3.49 4.00
N VAL C 116 -9.61 3.53 4.26
CA VAL C 116 -10.13 4.32 5.37
C VAL C 116 -10.10 3.65 6.74
N SER C 117 -9.34 4.28 7.65
CA SER C 117 -9.19 3.80 9.03
C SER C 117 -10.49 3.86 9.79
N SER C 118 -10.71 2.89 10.68
CA SER C 118 -11.87 2.90 11.57
C SER C 118 -11.68 3.87 12.76
N GLU C 119 -10.57 4.60 12.75
CA GLU C 119 -10.27 5.62 13.76
C GLU C 119 -10.86 6.96 13.38
N THR C 120 -10.68 7.34 12.13
CA THR C 120 -11.12 8.65 11.66
C THR C 120 -12.63 8.67 11.60
N ILE C 121 -13.21 7.52 11.27
CA ILE C 121 -14.64 7.35 11.42
C ILE C 121 -15.08 7.84 12.80
N LYS C 122 -14.50 7.26 13.86
CA LYS C 122 -14.76 7.69 15.24
C LYS C 122 -14.58 9.18 15.43
N LYS C 123 -13.50 9.72 14.86
CA LYS C 123 -13.20 11.15 14.97
C LYS C 123 -14.37 11.98 14.45
N TYR C 124 -14.75 11.76 13.19
CA TYR C 124 -15.90 12.43 12.59
C TYR C 124 -17.10 12.41 13.53
N ILE C 125 -17.48 11.21 13.99
CA ILE C 125 -18.62 11.04 14.90
C ILE C 125 -18.49 11.99 16.10
N GLU C 126 -17.47 11.76 16.92
CA GLU C 126 -17.30 12.50 18.15
C GLU C 126 -17.23 14.00 17.90
N GLU C 127 -16.45 14.39 16.89
CA GLU C 127 -16.40 15.81 16.54
C GLU C 127 -17.61 16.25 15.70
N GLN C 128 -18.59 15.36 15.57
CA GLN C 128 -19.92 15.74 15.13
C GLN C 128 -20.82 15.98 16.34
N TRP C 129 -20.91 14.99 17.23
CA TRP C 129 -21.73 15.07 18.46
C TRP C 129 -21.51 16.37 19.24
N ALA C 130 -20.25 16.78 19.32
CA ALA C 130 -19.86 18.07 19.88
C ALA C 130 -20.31 19.20 18.95
N MET D 1 8.67 -20.49 -6.07
CA MET D 1 9.29 -19.13 -6.01
C MET D 1 8.97 -18.40 -4.70
N GLU D 2 7.77 -17.82 -4.62
CA GLU D 2 7.27 -17.17 -3.42
C GLU D 2 6.42 -18.16 -2.66
N TYR D 3 5.96 -19.18 -3.36
CA TYR D 3 5.02 -20.13 -2.80
C TYR D 3 5.62 -21.53 -2.72
N LYS D 4 5.27 -22.24 -1.66
CA LYS D 4 5.64 -23.63 -1.46
C LYS D 4 4.35 -24.41 -1.60
N SER D 5 4.44 -25.73 -1.69
CA SER D 5 3.22 -26.52 -1.85
C SER D 5 3.36 -27.94 -1.36
N THR D 6 2.19 -28.54 -1.09
CA THR D 6 2.06 -29.99 -1.07
C THR D 6 0.95 -30.35 -2.08
N ARG D 7 0.44 -31.60 -2.02
CA ARG D 7 -0.71 -32.02 -2.83
C ARG D 7 -2.02 -31.42 -2.28
N HIS D 8 -1.98 -31.10 -0.99
CA HIS D 8 -3.07 -30.49 -0.25
C HIS D 8 -3.31 -29.04 -0.70
N ALA D 9 -2.24 -28.24 -0.79
CA ALA D 9 -2.39 -26.78 -0.84
C ALA D 9 -1.23 -25.99 -1.48
N LYS D 10 -1.52 -24.75 -1.87
CA LYS D 10 -0.52 -23.73 -2.24
C LYS D 10 -0.62 -22.62 -1.22
N TYR D 11 0.52 -22.17 -0.71
CA TYR D 11 0.52 -21.32 0.48
C TYR D 11 1.76 -20.43 0.66
N LEU D 12 1.55 -19.31 1.37
CA LEU D 12 2.63 -18.43 1.82
C LEU D 12 2.12 -17.69 3.02
N CYS D 13 2.70 -18.00 4.18
CA CYS D 13 2.17 -17.56 5.45
C CYS D 13 3.28 -16.97 6.27
N ASN D 14 3.47 -15.66 6.21
CA ASN D 14 4.48 -15.03 7.02
C ASN D 14 3.86 -14.43 8.25
N TYR D 15 4.53 -14.56 9.39
CA TYR D 15 4.08 -13.92 10.62
C TYR D 15 5.18 -13.15 11.25
N HIS D 16 4.81 -11.99 11.78
CA HIS D 16 5.66 -11.27 12.69
C HIS D 16 5.22 -11.61 14.12
N PHE D 17 6.16 -12.13 14.92
CA PHE D 17 5.89 -12.42 16.31
C PHE D 17 6.76 -11.50 17.15
N VAL D 18 6.11 -10.77 18.06
CA VAL D 18 6.82 -9.86 18.94
C VAL D 18 6.35 -10.10 20.37
N TRP D 19 7.30 -10.31 21.27
CA TRP D 19 6.98 -10.35 22.69
C TRP D 19 8.09 -9.74 23.54
N ILE D 20 7.79 -9.57 24.82
CA ILE D 20 8.71 -8.95 25.77
C ILE D 20 8.97 -9.91 26.94
N PRO D 21 10.12 -9.75 27.65
CA PRO D 21 10.39 -10.55 28.85
C PRO D 21 9.57 -10.05 30.04
N LYS D 22 9.36 -10.91 31.03
CA LYS D 22 8.55 -10.54 32.19
C LYS D 22 9.22 -9.47 33.05
N TYR D 23 10.50 -9.66 33.34
CA TYR D 23 11.33 -8.66 34.00
C TYR D 23 12.12 -8.01 32.89
N ARG D 24 12.64 -6.81 33.12
CA ARG D 24 13.01 -6.02 31.96
C ARG D 24 14.40 -5.41 31.89
N ARG D 25 14.81 -4.70 32.95
CA ARG D 25 15.86 -3.65 32.82
C ARG D 25 17.15 -3.93 32.01
N LYS D 26 17.21 -5.13 31.43
CA LYS D 26 17.92 -5.39 30.17
C LYS D 26 18.09 -6.87 29.82
N VAL D 27 17.41 -7.76 30.54
CA VAL D 27 17.64 -9.20 30.41
C VAL D 27 18.24 -9.60 29.05
N LEU D 28 17.60 -9.22 27.95
CA LEU D 28 17.96 -9.72 26.62
C LEU D 28 19.21 -9.10 25.98
N THR D 29 20.34 -9.26 26.63
CA THR D 29 21.61 -8.77 26.08
C THR D 29 22.73 -9.79 26.21
N GLY D 30 23.95 -9.33 25.96
CA GLY D 30 25.14 -10.16 25.94
C GLY D 30 24.92 -11.54 25.37
N GLU D 31 25.31 -12.53 26.17
CA GLU D 31 25.28 -13.93 25.79
C GLU D 31 23.84 -14.43 25.58
N VAL D 32 22.93 -13.94 26.43
CA VAL D 32 21.51 -14.29 26.39
C VAL D 32 20.94 -13.94 25.01
N ALA D 33 21.08 -12.67 24.62
CA ALA D 33 20.65 -12.19 23.31
C ALA D 33 21.19 -13.06 22.17
N GLU D 34 22.45 -13.45 22.26
CA GLU D 34 23.12 -14.21 21.21
C GLU D 34 22.57 -15.63 21.14
N TYR D 35 22.37 -16.24 22.30
CA TYR D 35 21.86 -17.61 22.44
C TYR D 35 20.39 -17.75 22.08
N THR D 36 19.61 -16.72 22.40
CA THR D 36 18.19 -16.66 22.08
C THR D 36 17.98 -16.71 20.57
N LYS D 37 18.82 -15.94 19.87
CA LYS D 37 18.80 -15.89 18.42
C LYS D 37 19.04 -17.30 17.88
N GLU D 38 19.96 -18.00 18.51
CA GLU D 38 20.38 -19.33 18.14
C GLU D 38 19.25 -20.33 18.34
N VAL D 39 18.72 -20.40 19.54
CA VAL D 39 17.67 -21.36 19.81
C VAL D 39 16.45 -21.10 18.93
N LEU D 40 15.96 -19.87 18.98
CA LEU D 40 14.82 -19.49 18.19
C LEU D 40 15.02 -19.95 16.76
N ARG D 41 16.24 -19.75 16.24
CA ARG D 41 16.57 -20.21 14.89
C ARG D 41 16.34 -21.71 14.70
N THR D 42 16.91 -22.50 15.60
CA THR D 42 16.72 -23.94 15.56
C THR D 42 15.30 -24.35 15.97
N ILE D 43 14.64 -23.53 16.78
CA ILE D 43 13.28 -23.88 17.19
C ILE D 43 12.41 -23.85 15.95
N ALA D 44 12.47 -22.74 15.23
CA ALA D 44 11.74 -22.55 14.00
C ALA D 44 12.07 -23.65 13.00
N GLU D 45 13.36 -23.78 12.71
CA GLU D 45 13.83 -24.80 11.79
C GLU D 45 13.18 -26.15 12.03
N GLU D 46 13.02 -26.52 13.29
CA GLU D 46 12.47 -27.82 13.69
C GLU D 46 10.95 -27.99 13.43
N LEU D 47 10.21 -26.88 13.51
CA LEU D 47 8.78 -26.84 13.13
C LEU D 47 8.56 -26.89 11.62
N GLY D 48 9.58 -26.51 10.87
CA GLY D 48 9.46 -26.44 9.44
C GLY D 48 9.24 -25.00 9.03
N CYS D 49 9.74 -24.07 9.83
CA CYS D 49 9.59 -22.66 9.50
C CYS D 49 10.90 -22.17 8.90
N GLU D 50 10.92 -20.91 8.47
CA GLU D 50 12.08 -20.31 7.82
C GLU D 50 12.29 -18.90 8.41
N VAL D 51 13.36 -18.68 9.16
CA VAL D 51 13.55 -17.38 9.84
C VAL D 51 13.84 -16.27 8.84
N LEU D 52 12.90 -15.34 8.72
CA LEU D 52 13.11 -14.21 7.82
C LEU D 52 13.89 -13.05 8.46
N ALA D 53 13.78 -12.90 9.78
CA ALA D 53 14.38 -11.76 10.50
C ALA D 53 14.30 -11.94 12.03
N LEU D 54 15.33 -11.45 12.73
CA LEU D 54 15.47 -11.79 14.12
C LEU D 54 16.20 -10.73 14.96
N GLU D 55 15.50 -9.66 15.29
CA GLU D 55 16.03 -8.73 16.25
C GLU D 55 15.72 -9.28 17.63
N VAL D 56 16.78 -9.45 18.42
CA VAL D 56 16.62 -9.80 19.83
C VAL D 56 17.14 -8.63 20.69
N MET D 57 16.32 -7.58 20.80
CA MET D 57 16.69 -6.38 21.54
C MET D 57 16.34 -6.51 23.03
N PRO D 58 17.16 -5.90 23.91
CA PRO D 58 16.98 -5.99 25.38
C PRO D 58 15.52 -5.87 25.86
N ASP D 59 14.73 -5.07 25.15
CA ASP D 59 13.31 -4.87 25.50
C ASP D 59 12.35 -5.90 24.88
N HIS D 60 12.72 -6.50 23.75
CA HIS D 60 11.75 -7.29 23.01
C HIS D 60 12.36 -8.34 22.10
N ILE D 61 11.50 -9.17 21.52
CA ILE D 61 11.92 -10.06 20.45
C ILE D 61 11.04 -9.84 19.24
N HIS D 62 11.69 -9.85 18.08
CA HIS D 62 11.02 -9.86 16.79
C HIS D 62 11.44 -11.07 15.97
N LEU D 63 10.43 -11.84 15.57
CA LEU D 63 10.64 -13.07 14.81
C LEU D 63 9.70 -13.04 13.65
N PHE D 64 10.27 -12.89 12.47
CA PHE D 64 9.53 -12.84 11.23
C PHE D 64 9.82 -14.17 10.57
N VAL D 65 8.78 -14.90 10.21
CA VAL D 65 8.90 -16.29 9.76
C VAL D 65 7.87 -16.73 8.74
N ASN D 66 8.30 -17.59 7.83
CA ASN D 66 7.40 -18.29 6.94
C ASN D 66 7.12 -19.64 7.59
N CYS D 67 5.89 -20.12 7.50
CA CYS D 67 5.48 -21.33 8.21
C CYS D 67 4.34 -22.11 7.55
N PRO D 68 4.48 -23.43 7.42
CA PRO D 68 3.43 -24.34 6.96
C PRO D 68 2.04 -23.94 7.47
N PRO D 69 1.01 -24.16 6.64
CA PRO D 69 -0.37 -23.73 6.91
C PRO D 69 -1.07 -24.44 8.06
N ARG D 70 -0.49 -25.53 8.56
CA ARG D 70 -1.12 -26.34 9.60
C ARG D 70 -0.91 -25.80 11.01
N TYR D 71 -0.15 -24.72 11.12
CA TYR D 71 0.11 -24.08 12.40
C TYR D 71 -0.75 -22.84 12.62
N ALA D 72 -1.50 -22.86 13.71
CA ALA D 72 -2.13 -21.66 14.22
C ALA D 72 -1.04 -20.76 14.80
N PRO D 73 -1.21 -19.42 14.67
CA PRO D 73 -0.26 -18.50 15.33
C PRO D 73 -0.12 -18.71 16.86
N SER D 74 -1.24 -18.84 17.58
CA SER D 74 -1.20 -19.13 19.03
C SER D 74 -0.17 -20.22 19.30
N TYR D 75 -0.31 -21.31 18.56
CA TYR D 75 0.57 -22.43 18.68
C TYR D 75 2.01 -22.01 18.42
N LEU D 76 2.21 -21.33 17.30
CA LEU D 76 3.56 -20.99 16.87
C LEU D 76 4.18 -20.11 17.93
N ALA D 77 3.56 -18.97 18.17
CA ALA D 77 3.94 -18.04 19.21
C ALA D 77 4.23 -18.71 20.54
N ASN D 78 3.32 -19.58 20.97
CA ASN D 78 3.49 -20.28 22.23
C ASN D 78 4.58 -21.32 22.19
N TYR D 79 4.81 -21.88 21.01
CA TYR D 79 5.86 -22.87 20.79
C TYR D 79 7.18 -22.17 20.92
N PHE D 80 7.27 -21.00 20.30
CA PHE D 80 8.45 -20.19 20.38
C PHE D 80 8.71 -19.73 21.81
N LYS D 81 7.74 -19.05 22.40
CA LYS D 81 7.90 -18.55 23.75
C LYS D 81 8.18 -19.74 24.69
N GLY D 82 7.42 -20.82 24.50
CA GLY D 82 7.54 -22.01 25.34
C GLY D 82 8.94 -22.58 25.35
N LYS D 83 9.40 -23.01 24.19
CA LYS D 83 10.63 -23.78 24.09
C LYS D 83 11.86 -22.95 24.32
N SER D 84 11.88 -21.71 23.83
CA SER D 84 13.03 -20.83 24.07
C SER D 84 13.29 -20.75 25.58
N ALA D 85 12.24 -20.47 26.34
CA ALA D 85 12.34 -20.31 27.79
C ALA D 85 12.94 -21.54 28.48
N ARG D 86 12.60 -22.73 27.98
CA ARG D 86 13.10 -23.94 28.59
C ARG D 86 14.59 -24.06 28.32
N LEU D 87 15.02 -23.64 27.15
CA LEU D 87 16.43 -23.78 26.77
C LEU D 87 17.32 -22.73 27.40
N ILE D 88 16.81 -21.50 27.44
CA ILE D 88 17.54 -20.36 27.95
C ILE D 88 17.73 -20.59 29.43
N LEU D 89 16.68 -21.09 30.07
CA LEU D 89 16.68 -21.17 31.52
C LEU D 89 17.59 -22.27 32.07
N LYS D 90 17.58 -23.45 31.45
CA LYS D 90 18.50 -24.54 31.83
C LYS D 90 19.95 -24.14 31.62
N LYS D 91 20.17 -23.09 30.84
CA LYS D 91 21.49 -22.69 30.44
C LYS D 91 22.03 -21.55 31.33
N PHE D 92 21.28 -20.46 31.43
CA PHE D 92 21.65 -19.35 32.28
C PHE D 92 20.88 -19.48 33.58
N GLN D 93 21.11 -20.62 34.26
CA GLN D 93 20.43 -21.00 35.49
C GLN D 93 20.47 -19.94 36.57
N GLU D 94 21.52 -19.11 36.53
CA GLU D 94 21.59 -17.90 37.35
C GLU D 94 20.28 -17.12 37.19
N LEU D 95 19.92 -16.93 35.92
CA LEU D 95 18.70 -16.26 35.51
C LEU D 95 17.45 -17.08 35.76
N LYS D 96 17.58 -18.40 35.87
CA LYS D 96 16.43 -19.21 36.28
C LYS D 96 16.05 -18.84 37.72
N LYS D 97 17.08 -18.59 38.54
CA LYS D 97 16.86 -18.09 39.91
C LYS D 97 16.31 -16.66 39.97
N SER D 98 16.97 -15.73 39.29
CA SER D 98 16.51 -14.33 39.30
C SER D 98 15.20 -14.12 38.55
N THR D 99 14.85 -15.05 37.67
CA THR D 99 13.59 -15.00 36.94
C THR D 99 12.51 -15.81 37.65
N ASN D 100 12.93 -16.80 38.45
CA ASN D 100 12.00 -17.76 39.06
C ASN D 100 11.16 -18.49 37.98
N GLY D 101 11.87 -19.13 37.03
CA GLY D 101 11.27 -19.93 35.97
C GLY D 101 10.46 -19.20 34.89
N LYS D 102 9.90 -18.04 35.20
CA LYS D 102 9.08 -17.32 34.23
C LYS D 102 9.87 -16.28 33.42
N LEU D 103 10.25 -16.66 32.21
CA LEU D 103 11.06 -15.80 31.36
C LEU D 103 10.26 -14.82 30.51
N TRP D 104 9.07 -15.21 30.05
CA TRP D 104 8.27 -14.37 29.15
C TRP D 104 6.97 -13.89 29.76
N THR D 105 6.31 -12.96 29.10
CA THR D 105 4.95 -12.61 29.43
C THR D 105 4.02 -13.70 28.91
N ARG D 106 2.76 -13.67 29.31
CA ARG D 106 1.80 -14.64 28.82
C ARG D 106 1.12 -14.04 27.60
N SER D 107 1.66 -12.93 27.11
CA SER D 107 1.10 -12.26 25.94
C SER D 107 2.13 -12.03 24.82
N TYR D 108 1.63 -11.70 23.63
CA TYR D 108 2.45 -11.59 22.42
C TYR D 108 1.65 -10.89 21.30
N PHE D 109 2.36 -10.32 20.34
CA PHE D 109 1.76 -9.66 19.19
C PHE D 109 2.15 -10.41 17.93
N VAL D 110 1.17 -10.60 17.03
CA VAL D 110 1.40 -11.24 15.72
C VAL D 110 0.76 -10.51 14.54
N SER D 111 1.56 -10.22 13.53
CA SER D 111 1.01 -9.67 12.29
C SER D 111 1.34 -10.47 11.05
N THR D 112 0.32 -10.68 10.22
CA THR D 112 0.50 -11.37 8.95
C THR D 112 1.10 -10.42 7.89
N SER D 113 1.94 -10.96 7.01
CA SER D 113 2.60 -10.14 6.01
C SER D 113 2.45 -10.69 4.59
N GLY D 114 2.29 -9.77 3.64
CA GLY D 114 2.21 -10.10 2.22
C GLY D 114 1.32 -9.14 1.46
N ASN D 115 1.10 -9.49 0.19
CA ASN D 115 0.32 -8.71 -0.75
C ASN D 115 0.06 -9.60 -1.94
N VAL D 116 -1.20 -9.98 -2.12
CA VAL D 116 -1.56 -10.98 -3.11
C VAL D 116 -2.19 -10.29 -4.29
N SER D 117 -1.58 -10.51 -5.44
CA SER D 117 -1.92 -9.82 -6.67
C SER D 117 -3.19 -10.42 -7.28
N SER D 118 -4.00 -9.53 -7.84
CA SER D 118 -5.18 -9.91 -8.60
C SER D 118 -4.83 -10.97 -9.62
N GLU D 119 -3.60 -10.93 -10.13
CA GLU D 119 -3.16 -11.85 -11.18
C GLU D 119 -2.51 -13.13 -10.71
N THR D 120 -1.90 -13.13 -9.52
CA THR D 120 -1.38 -14.39 -8.99
C THR D 120 -2.53 -15.28 -8.50
N ILE D 121 -3.54 -14.65 -7.91
CA ILE D 121 -4.79 -15.32 -7.60
C ILE D 121 -5.30 -16.01 -8.86
N LYS D 122 -5.29 -15.24 -9.96
CA LYS D 122 -5.76 -15.71 -11.27
C LYS D 122 -4.86 -16.84 -11.78
N LYS D 123 -3.56 -16.61 -11.69
CA LYS D 123 -2.54 -17.60 -12.02
C LYS D 123 -2.80 -18.99 -11.41
N TYR D 124 -3.36 -19.01 -10.19
CA TYR D 124 -3.62 -20.26 -9.46
C TYR D 124 -4.76 -21.10 -10.05
N ILE D 125 -5.90 -20.47 -10.29
CA ILE D 125 -7.08 -21.12 -10.89
C ILE D 125 -6.72 -22.04 -12.06
N GLU D 126 -6.11 -21.44 -13.08
CA GLU D 126 -5.77 -22.13 -14.32
C GLU D 126 -4.83 -23.34 -14.17
N GLU D 127 -4.01 -23.35 -13.13
CA GLU D 127 -3.11 -24.48 -12.88
C GLU D 127 -3.86 -25.70 -12.38
N GLN D 128 -5.05 -25.49 -11.81
CA GLN D 128 -5.78 -26.59 -11.13
C GLN D 128 -7.06 -26.91 -11.90
N GLU E 2 7.11 3.52 -14.47
CA GLU E 2 7.99 3.37 -15.68
C GLU E 2 9.46 3.29 -15.23
N TYR E 3 10.20 2.32 -15.81
CA TYR E 3 11.58 2.03 -15.40
C TYR E 3 12.63 2.32 -16.47
N LYS E 4 13.48 3.29 -16.17
CA LYS E 4 14.65 3.62 -16.98
C LYS E 4 15.77 2.62 -16.66
N SER E 5 16.62 2.39 -17.65
CA SER E 5 17.72 1.48 -17.48
C SER E 5 18.84 1.89 -18.41
N THR E 6 20.05 1.72 -17.92
CA THR E 6 21.25 1.90 -18.69
C THR E 6 21.88 0.53 -18.86
N ARG E 7 23.20 0.50 -18.89
CA ARG E 7 23.94 -0.75 -19.03
C ARG E 7 23.76 -1.67 -17.81
N HIS E 8 24.26 -1.25 -16.64
CA HIS E 8 24.29 -2.13 -15.48
C HIS E 8 23.19 -1.85 -14.45
N ALA E 9 22.37 -0.83 -14.70
CA ALA E 9 21.23 -0.60 -13.85
C ALA E 9 19.91 -0.57 -14.63
N LYS E 10 18.88 -1.08 -13.99
CA LYS E 10 17.49 -0.79 -14.28
C LYS E 10 17.06 -0.05 -12.99
N TYR E 11 16.63 1.21 -13.11
CA TYR E 11 16.40 2.08 -11.94
C TYR E 11 15.13 2.89 -12.04
N LEU E 12 14.50 3.14 -10.90
CA LEU E 12 13.50 4.20 -10.79
C LEU E 12 13.80 4.98 -9.52
N CYS E 13 14.31 6.19 -9.70
CA CYS E 13 14.74 7.03 -8.60
C CYS E 13 14.01 8.33 -8.53
N ASN E 14 12.93 8.37 -7.73
CA ASN E 14 12.19 9.61 -7.46
C ASN E 14 12.56 10.20 -6.12
N TYR E 15 12.66 11.52 -6.04
CA TYR E 15 12.80 12.17 -4.73
C TYR E 15 11.98 13.42 -4.66
N HIS E 16 11.31 13.62 -3.53
CA HIS E 16 10.73 14.90 -3.25
C HIS E 16 11.79 15.76 -2.58
N PHE E 17 12.06 16.94 -3.14
CA PHE E 17 12.97 17.90 -2.51
C PHE E 17 12.20 19.12 -2.02
N VAL E 18 12.47 19.54 -0.81
CA VAL E 18 11.81 20.71 -0.22
C VAL E 18 12.81 21.57 0.50
N TRP E 19 12.85 22.82 0.10
CA TRP E 19 13.67 23.80 0.75
C TRP E 19 12.93 25.13 0.64
N ILE E 20 13.45 26.12 1.34
CA ILE E 20 12.77 27.42 1.50
C ILE E 20 13.76 28.61 1.37
N PRO E 21 13.23 29.83 1.17
CA PRO E 21 14.06 31.02 1.20
C PRO E 21 14.63 31.27 2.59
N LYS E 22 15.82 31.87 2.63
CA LYS E 22 16.46 32.24 3.88
C LYS E 22 15.48 32.86 4.91
N TYR E 23 14.60 33.75 4.46
CA TYR E 23 13.47 34.18 5.31
C TYR E 23 12.18 34.24 4.51
N ARG E 24 11.09 33.77 5.12
CA ARG E 24 9.81 33.65 4.42
C ARG E 24 9.25 35.00 4.00
N ARG E 25 10.11 35.86 3.45
CA ARG E 25 9.70 37.20 3.01
C ARG E 25 8.76 37.18 1.80
N LYS E 26 8.11 36.04 1.54
CA LYS E 26 7.30 35.85 0.35
C LYS E 26 8.15 36.29 -0.84
N VAL E 27 9.37 35.78 -0.88
CA VAL E 27 10.33 36.21 -1.89
C VAL E 27 10.00 35.56 -3.23
N LEU E 28 9.50 34.33 -3.17
CA LEU E 28 9.20 33.54 -4.37
C LEU E 28 7.83 33.90 -4.94
N THR E 29 7.75 35.11 -5.49
CA THR E 29 6.47 35.68 -5.92
C THR E 29 6.60 36.40 -7.25
N GLY E 30 5.54 36.29 -8.05
CA GLY E 30 5.45 37.00 -9.32
C GLY E 30 6.54 36.55 -10.26
N GLU E 31 7.43 37.49 -10.60
CA GLU E 31 8.44 37.26 -11.63
C GLU E 31 9.61 36.42 -11.11
N VAL E 32 9.82 36.43 -9.80
CA VAL E 32 10.84 35.57 -9.17
C VAL E 32 10.36 34.12 -9.17
N ALA E 33 9.11 33.92 -8.78
CA ALA E 33 8.50 32.60 -8.83
C ALA E 33 8.59 31.98 -10.23
N GLU E 34 8.42 32.79 -11.27
CA GLU E 34 8.53 32.26 -12.64
C GLU E 34 9.93 31.76 -12.94
N TYR E 35 10.92 32.66 -12.94
CA TYR E 35 12.32 32.31 -13.17
C TYR E 35 12.76 31.07 -12.37
N THR E 36 12.44 31.04 -11.09
CA THR E 36 12.84 29.92 -10.24
C THR E 36 12.36 28.62 -10.89
N LYS E 37 11.04 28.51 -11.08
CA LYS E 37 10.44 27.37 -11.75
C LYS E 37 11.05 27.20 -13.16
N GLU E 38 11.36 28.30 -13.84
CA GLU E 38 11.95 28.22 -15.18
C GLU E 38 13.37 27.63 -15.17
N VAL E 39 14.19 28.03 -14.20
CA VAL E 39 15.58 27.61 -14.14
C VAL E 39 15.75 26.23 -13.54
N LEU E 40 15.03 25.96 -12.44
CA LEU E 40 15.05 24.63 -11.82
C LEU E 40 14.79 23.57 -12.88
N ARG E 41 13.86 23.88 -13.78
CA ARG E 41 13.49 23.00 -14.88
C ARG E 41 14.67 22.76 -15.81
N THR E 42 15.46 23.79 -16.09
CA THR E 42 16.62 23.59 -16.95
C THR E 42 17.84 22.95 -16.26
N ILE E 43 18.05 23.26 -14.99
CA ILE E 43 19.05 22.59 -14.18
C ILE E 43 18.86 21.06 -14.19
N ALA E 44 17.62 20.62 -14.06
CA ALA E 44 17.33 19.19 -14.05
C ALA E 44 17.63 18.55 -15.41
N GLU E 45 17.32 19.28 -16.50
CA GLU E 45 17.65 18.83 -17.85
C GLU E 45 19.14 18.59 -17.98
N GLU E 46 19.91 19.52 -17.42
CA GLU E 46 21.37 19.42 -17.40
C GLU E 46 21.87 18.13 -16.78
N LEU E 47 21.30 17.76 -15.64
CA LEU E 47 21.74 16.61 -14.88
C LEU E 47 21.27 15.30 -15.48
N GLY E 48 20.15 15.35 -16.20
CA GLY E 48 19.53 14.13 -16.68
C GLY E 48 18.35 13.70 -15.83
N CYS E 49 17.66 14.64 -15.20
CA CYS E 49 16.47 14.31 -14.43
C CYS E 49 15.22 14.73 -15.21
N GLU E 50 14.11 14.01 -15.02
CA GLU E 50 12.82 14.46 -15.53
C GLU E 50 12.10 15.13 -14.38
N VAL E 51 11.40 16.22 -14.66
CA VAL E 51 10.61 16.90 -13.64
C VAL E 51 9.19 16.36 -13.61
N LEU E 52 8.89 15.63 -12.54
CA LEU E 52 7.57 15.04 -12.38
C LEU E 52 6.59 16.10 -11.90
N ALA E 53 7.01 16.90 -10.91
CA ALA E 53 6.25 18.04 -10.45
C ALA E 53 7.16 19.14 -9.90
N LEU E 54 6.61 20.34 -9.76
CA LEU E 54 7.35 21.48 -9.27
C LEU E 54 6.42 22.65 -9.00
N GLU E 55 6.24 22.98 -7.75
CA GLU E 55 5.52 24.19 -7.42
C GLU E 55 6.42 25.10 -6.61
N VAL E 56 6.63 26.29 -7.14
CA VAL E 56 7.38 27.33 -6.47
C VAL E 56 6.39 28.22 -5.70
N MET E 57 6.01 27.76 -4.51
CA MET E 57 5.21 28.55 -3.61
C MET E 57 6.02 29.72 -3.02
N PRO E 58 5.36 30.79 -2.54
CA PRO E 58 6.16 31.97 -2.15
C PRO E 58 7.13 31.72 -1.05
N ASP E 59 6.81 30.78 -0.16
CA ASP E 59 7.68 30.53 0.98
C ASP E 59 8.34 29.15 0.93
N HIS E 60 8.04 28.37 -0.11
CA HIS E 60 8.75 27.12 -0.31
C HIS E 60 8.87 26.69 -1.76
N ILE E 61 9.80 25.78 -1.98
CA ILE E 61 9.85 25.02 -3.21
C ILE E 61 9.59 23.58 -2.86
N HIS E 62 8.81 22.93 -3.72
CA HIS E 62 8.71 21.49 -3.74
C HIS E 62 9.03 21.03 -5.15
N LEU E 63 10.22 20.44 -5.30
CA LEU E 63 10.67 19.95 -6.58
C LEU E 63 10.60 18.44 -6.53
N PHE E 64 9.87 17.86 -7.46
CA PHE E 64 9.75 16.42 -7.52
C PHE E 64 10.38 15.94 -8.80
N VAL E 65 11.34 15.02 -8.67
CA VAL E 65 12.15 14.59 -9.82
C VAL E 65 12.48 13.11 -9.83
N ASN E 66 12.73 12.60 -11.03
CA ASN E 66 13.33 11.28 -11.25
C ASN E 66 14.74 11.48 -11.78
N CYS E 67 15.79 11.21 -11.00
CA CYS E 67 17.19 11.34 -11.46
C CYS E 67 17.96 10.01 -11.70
N PRO E 68 19.04 10.05 -12.49
CA PRO E 68 19.97 8.94 -12.64
C PRO E 68 20.44 8.44 -11.31
N PRO E 69 20.85 7.17 -11.27
CA PRO E 69 21.28 6.55 -10.00
C PRO E 69 22.67 6.96 -9.51
N ARG E 70 23.45 7.62 -10.36
CA ARG E 70 24.82 8.01 -9.96
C ARG E 70 24.85 9.20 -9.03
N TYR E 71 23.70 9.83 -8.84
CA TYR E 71 23.52 11.03 -8.03
C TYR E 71 23.08 10.79 -6.57
N ALA E 72 23.87 11.23 -5.60
CA ALA E 72 23.45 11.18 -4.21
C ALA E 72 22.44 12.30 -4.05
N PRO E 73 21.38 12.07 -3.27
CA PRO E 73 20.35 13.06 -3.01
C PRO E 73 20.84 14.35 -2.37
N SER E 74 21.88 14.30 -1.55
CA SER E 74 22.41 15.53 -0.98
C SER E 74 23.13 16.34 -2.04
N TYR E 75 23.61 15.64 -3.07
CA TYR E 75 24.31 16.28 -4.15
C TYR E 75 23.31 17.02 -4.98
N LEU E 76 22.15 16.41 -5.13
CA LEU E 76 21.11 16.97 -5.96
C LEU E 76 20.54 18.22 -5.32
N ALA E 77 20.39 18.17 -4.01
CA ALA E 77 19.89 19.30 -3.30
C ALA E 77 20.88 20.45 -3.46
N ASN E 78 22.17 20.18 -3.28
CA ASN E 78 23.18 21.22 -3.51
C ASN E 78 23.18 21.76 -4.91
N TYR E 79 23.07 20.86 -5.88
CA TYR E 79 23.07 21.26 -7.26
C TYR E 79 21.85 22.11 -7.53
N PHE E 80 20.68 21.66 -7.07
CA PHE E 80 19.47 22.43 -7.27
C PHE E 80 19.40 23.75 -6.51
N LYS E 81 20.10 23.84 -5.39
CA LYS E 81 20.14 25.07 -4.61
C LYS E 81 21.32 25.98 -5.00
N GLY E 82 22.48 25.38 -5.24
CA GLY E 82 23.64 26.13 -5.69
C GLY E 82 23.34 26.97 -6.91
N LYS E 83 22.89 26.31 -7.97
CA LYS E 83 22.72 26.93 -9.28
C LYS E 83 21.51 27.84 -9.32
N SER E 84 20.42 27.39 -8.68
CA SER E 84 19.19 28.16 -8.65
C SER E 84 19.51 29.53 -8.03
N ALA E 85 20.11 29.52 -6.84
CA ALA E 85 20.46 30.76 -6.19
C ALA E 85 21.31 31.63 -7.12
N ARG E 86 22.38 31.07 -7.66
CA ARG E 86 23.29 31.88 -8.47
C ARG E 86 22.62 32.44 -9.73
N LEU E 87 21.39 32.05 -10.01
CA LEU E 87 20.74 32.49 -11.24
C LEU E 87 19.73 33.59 -11.00
N ILE E 88 18.85 33.35 -10.03
CA ILE E 88 17.88 34.30 -9.59
C ILE E 88 18.63 35.54 -9.14
N LEU E 89 19.54 35.35 -8.18
CA LEU E 89 20.34 36.43 -7.61
C LEU E 89 21.05 37.31 -8.65
N LYS E 90 21.40 36.72 -9.79
CA LYS E 90 21.96 37.52 -10.86
C LYS E 90 20.83 38.28 -11.52
N LYS E 91 19.79 37.57 -11.94
CA LYS E 91 18.71 38.20 -12.69
C LYS E 91 17.79 39.02 -11.78
N PHE E 92 18.11 39.12 -10.49
CA PHE E 92 17.38 39.93 -9.52
C PHE E 92 18.34 40.41 -8.46
N GLN E 93 19.04 41.50 -8.77
CA GLN E 93 19.99 42.15 -7.86
C GLN E 93 19.33 42.69 -6.60
N GLU E 94 18.05 43.02 -6.69
CA GLU E 94 17.29 43.44 -5.51
C GLU E 94 17.34 42.35 -4.47
N LEU E 95 17.27 41.12 -4.93
CA LEU E 95 17.37 40.02 -4.03
C LEU E 95 18.78 39.86 -3.50
N LYS E 96 19.79 40.17 -4.33
CA LYS E 96 21.19 40.13 -3.87
C LYS E 96 21.45 41.14 -2.73
N LYS E 97 20.82 42.31 -2.85
CA LYS E 97 20.81 43.33 -1.80
C LYS E 97 20.13 42.81 -0.52
N SER E 98 18.80 42.76 -0.54
CA SER E 98 18.01 42.35 0.62
C SER E 98 18.22 40.89 1.05
N THR E 99 19.41 40.33 0.79
CA THR E 99 19.65 38.90 1.08
C THR E 99 21.11 38.55 1.44
N ASN E 100 22.04 39.49 1.20
CA ASN E 100 23.49 39.25 1.38
C ASN E 100 23.98 38.07 0.54
N GLY E 101 23.65 38.11 -0.75
CA GLY E 101 24.06 37.07 -1.69
C GLY E 101 23.60 35.69 -1.28
N LYS E 102 22.81 35.62 -0.23
CA LYS E 102 22.38 34.35 0.34
C LYS E 102 20.87 34.12 0.17
N LEU E 103 20.50 33.40 -0.89
CA LEU E 103 19.09 33.13 -1.18
C LEU E 103 18.46 32.04 -0.31
N TRP E 104 19.13 30.90 -0.16
CA TRP E 104 18.51 29.77 0.53
C TRP E 104 19.07 29.55 1.90
N THR E 105 18.30 28.86 2.74
CA THR E 105 18.85 28.35 3.99
C THR E 105 19.80 27.23 3.64
N ARG E 106 20.39 26.65 4.68
CA ARG E 106 21.33 25.55 4.54
C ARG E 106 20.61 24.22 4.45
N SER E 107 19.51 24.08 5.19
CA SER E 107 18.79 22.83 5.31
C SER E 107 17.92 22.53 4.08
N TYR E 108 17.54 21.26 3.95
CA TYR E 108 16.64 20.79 2.88
C TYR E 108 15.92 19.51 3.33
N PHE E 109 14.82 19.21 2.67
CA PHE E 109 14.07 18.01 2.94
C PHE E 109 14.06 17.08 1.72
N VAL E 110 14.43 15.82 1.94
CA VAL E 110 14.32 14.81 0.89
C VAL E 110 13.50 13.61 1.30
N SER E 111 12.63 13.17 0.40
CA SER E 111 11.95 11.88 0.60
C SER E 111 11.72 11.05 -0.68
N THR E 112 12.18 9.80 -0.64
CA THR E 112 11.97 8.88 -1.74
C THR E 112 10.48 8.59 -1.90
N SER E 113 10.05 8.40 -3.14
CA SER E 113 8.65 8.06 -3.41
C SER E 113 8.57 6.93 -4.44
N GLY E 114 7.35 6.51 -4.75
CA GLY E 114 7.08 5.36 -5.63
C GLY E 114 6.76 4.10 -4.85
N ASN E 115 5.89 3.27 -5.42
CA ASN E 115 5.59 1.93 -4.88
C ASN E 115 6.24 0.81 -5.68
N VAL E 116 6.57 -0.29 -5.00
CA VAL E 116 7.11 -1.48 -5.67
C VAL E 116 6.22 -2.70 -5.46
N SER E 117 6.21 -3.62 -6.43
CA SER E 117 5.42 -4.85 -6.39
C SER E 117 6.28 -6.04 -6.80
N SER E 118 5.95 -7.22 -6.27
CA SER E 118 6.79 -8.41 -6.49
C SER E 118 6.82 -8.92 -7.94
N GLU E 119 5.92 -8.42 -8.78
CA GLU E 119 5.90 -8.81 -10.20
C GLU E 119 7.10 -8.23 -10.91
N THR E 120 7.28 -6.91 -10.82
CA THR E 120 8.47 -6.22 -11.32
C THR E 120 9.76 -6.90 -10.83
N ILE E 121 9.84 -7.17 -9.53
CA ILE E 121 11.04 -7.80 -8.98
C ILE E 121 11.28 -9.07 -9.80
N LYS E 122 10.18 -9.80 -10.06
CA LYS E 122 10.22 -11.00 -10.90
C LYS E 122 10.70 -10.68 -12.33
N LYS E 123 10.08 -9.68 -12.97
CA LYS E 123 10.45 -9.35 -14.34
C LYS E 123 11.92 -9.06 -14.46
N TYR E 124 12.47 -8.24 -13.58
CA TYR E 124 13.90 -7.91 -13.66
C TYR E 124 14.77 -9.19 -13.65
N ILE E 125 14.42 -10.14 -12.78
CA ILE E 125 15.11 -11.44 -12.76
C ILE E 125 14.93 -12.20 -14.08
N GLU E 126 13.71 -12.32 -14.59
CA GLU E 126 13.50 -13.01 -15.85
C GLU E 126 14.51 -12.44 -16.85
N GLU E 127 14.56 -11.11 -16.92
CA GLU E 127 15.41 -10.42 -17.88
C GLU E 127 16.89 -10.71 -17.64
N GLN E 128 17.28 -10.80 -16.37
CA GLN E 128 18.65 -11.15 -16.03
C GLN E 128 18.91 -12.63 -16.26
N TRP E 129 17.84 -13.38 -16.56
CA TRP E 129 17.99 -14.80 -16.92
C TRP E 129 18.24 -14.95 -18.41
N ALA E 130 17.91 -13.90 -19.16
CA ALA E 130 18.31 -13.79 -20.56
C ALA E 130 19.83 -13.59 -20.68
N MET F 1 5.75 6.93 8.06
CA MET F 1 7.09 6.84 8.70
C MET F 1 7.55 8.22 9.19
N GLU F 2 8.26 8.24 10.32
CA GLU F 2 9.08 9.42 10.66
C GLU F 2 10.41 9.39 9.87
N TYR F 3 11.07 10.53 9.88
CA TYR F 3 12.20 10.78 9.05
C TYR F 3 13.37 10.72 9.99
N LYS F 4 14.58 10.89 9.47
CA LYS F 4 15.74 10.98 10.32
C LYS F 4 16.38 12.31 10.03
N SER F 5 17.49 12.58 10.72
CA SER F 5 18.21 13.82 10.55
C SER F 5 19.70 13.57 10.39
N THR F 6 20.28 14.28 9.44
CA THR F 6 21.71 14.62 9.46
C THR F 6 21.69 16.03 10.02
N ARG F 7 22.70 16.85 9.75
CA ARG F 7 22.66 18.21 10.27
C ARG F 7 22.03 19.23 9.34
N HIS F 8 22.13 18.95 8.04
CA HIS F 8 21.50 19.83 7.07
C HIS F 8 20.25 19.23 6.44
N ALA F 9 19.94 17.97 6.78
CA ALA F 9 18.86 17.25 6.09
C ALA F 9 17.87 16.47 6.98
N LYS F 10 16.57 16.73 6.77
CA LYS F 10 15.50 15.84 7.17
C LYS F 10 15.26 14.95 5.98
N TYR F 11 15.29 13.64 6.20
CA TYR F 11 15.34 12.71 5.06
C TYR F 11 14.63 11.41 5.29
N LEU F 12 14.05 10.90 4.21
CA LEU F 12 13.58 9.51 4.14
C LEU F 12 13.99 9.07 2.75
N CYS F 13 14.90 8.11 2.71
CA CYS F 13 15.51 7.63 1.46
C CYS F 13 15.48 6.14 1.42
N ASN F 14 14.37 5.55 1.00
CA ASN F 14 14.25 4.09 0.99
C ASN F 14 14.51 3.50 -0.39
N TYR F 15 15.35 2.48 -0.45
CA TYR F 15 15.67 1.86 -1.75
C TYR F 15 15.52 0.35 -1.76
N HIS F 16 14.84 -0.19 -2.76
CA HIS F 16 14.88 -1.63 -3.05
C HIS F 16 16.00 -1.90 -4.04
N PHE F 17 16.94 -2.75 -3.64
CA PHE F 17 18.01 -3.24 -4.49
C PHE F 17 17.76 -4.71 -4.71
N VAL F 18 17.86 -5.14 -5.95
CA VAL F 18 17.73 -6.56 -6.30
C VAL F 18 18.85 -6.89 -7.23
N TRP F 19 19.67 -7.86 -6.86
CA TRP F 19 20.62 -8.40 -7.80
C TRP F 19 20.71 -9.89 -7.76
N ILE F 20 20.99 -10.45 -8.93
CA ILE F 20 21.13 -11.88 -9.12
C ILE F 20 22.61 -12.29 -9.07
N PRO F 21 22.89 -13.54 -8.67
CA PRO F 21 24.25 -14.06 -8.73
C PRO F 21 24.59 -14.48 -10.16
N LYS F 22 25.87 -14.54 -10.49
CA LYS F 22 26.30 -14.90 -11.85
C LYS F 22 25.93 -16.36 -12.27
N TYR F 23 25.55 -17.21 -11.31
CA TYR F 23 25.16 -18.61 -11.59
C TYR F 23 24.04 -19.14 -10.67
N ARG F 24 22.85 -19.35 -11.25
CA ARG F 24 21.67 -19.84 -10.50
C ARG F 24 21.81 -21.29 -10.06
N ARG F 25 23.03 -21.71 -9.72
CA ARG F 25 23.23 -23.08 -9.24
C ARG F 25 22.73 -23.24 -7.82
N LYS F 26 21.70 -22.45 -7.48
CA LYS F 26 21.05 -22.52 -6.19
C LYS F 26 22.11 -22.56 -5.09
N VAL F 27 23.02 -21.59 -5.13
CA VAL F 27 24.10 -21.50 -4.14
C VAL F 27 23.72 -20.64 -2.95
N LEU F 28 22.78 -19.73 -3.15
CA LEU F 28 22.29 -18.89 -2.07
C LEU F 28 21.28 -19.64 -1.20
N THR F 29 21.67 -20.81 -0.68
CA THR F 29 20.83 -21.52 0.28
C THR F 29 21.58 -22.12 1.46
N GLY F 30 20.92 -22.14 2.60
CA GLY F 30 21.40 -22.86 3.77
C GLY F 30 22.54 -22.17 4.48
N GLU F 31 23.76 -22.62 4.21
CA GLU F 31 24.91 -22.09 4.93
C GLU F 31 25.30 -20.71 4.42
N VAL F 32 25.58 -20.62 3.12
CA VAL F 32 25.94 -19.34 2.50
C VAL F 32 24.81 -18.32 2.67
N ALA F 33 23.60 -18.69 2.24
CA ALA F 33 22.43 -17.84 2.44
C ALA F 33 22.23 -17.36 3.88
N GLU F 34 22.87 -17.98 4.86
CA GLU F 34 22.81 -17.46 6.22
C GLU F 34 23.82 -16.34 6.36
N TYR F 35 25.06 -16.65 6.05
CA TYR F 35 26.15 -15.71 6.13
C TYR F 35 25.91 -14.50 5.24
N THR F 36 25.39 -14.76 4.05
CA THR F 36 25.14 -13.71 3.09
C THR F 36 24.25 -12.64 3.71
N LYS F 37 23.14 -13.03 4.32
CA LYS F 37 22.26 -12.04 4.86
C LYS F 37 22.88 -11.47 6.11
N GLU F 38 23.72 -12.27 6.74
CA GLU F 38 24.39 -11.82 7.95
C GLU F 38 25.33 -10.64 7.64
N VAL F 39 26.15 -10.80 6.61
CA VAL F 39 27.12 -9.78 6.26
C VAL F 39 26.47 -8.54 5.68
N LEU F 40 25.36 -8.71 4.96
CA LEU F 40 24.65 -7.57 4.39
C LEU F 40 24.09 -6.67 5.49
N ARG F 41 23.50 -7.28 6.53
CA ARG F 41 23.07 -6.54 7.73
C ARG F 41 24.23 -5.78 8.35
N THR F 42 25.42 -6.38 8.33
CA THR F 42 26.62 -5.74 8.86
C THR F 42 27.07 -4.60 7.95
N ILE F 43 27.02 -4.81 6.64
CA ILE F 43 27.52 -3.85 5.66
C ILE F 43 26.70 -2.60 5.75
N ALA F 44 25.38 -2.75 5.68
CA ALA F 44 24.47 -1.62 5.74
C ALA F 44 24.84 -0.81 6.96
N GLU F 45 25.21 -1.53 8.02
CA GLU F 45 25.50 -0.95 9.30
C GLU F 45 26.73 -0.08 9.34
N GLU F 46 27.81 -0.49 8.68
CA GLU F 46 29.01 0.34 8.75
C GLU F 46 28.83 1.60 7.92
N LEU F 47 27.85 1.54 7.04
CA LEU F 47 27.44 2.65 6.22
C LEU F 47 26.42 3.52 6.96
N GLY F 48 25.98 3.04 8.12
CA GLY F 48 24.92 3.69 8.89
C GLY F 48 23.55 3.67 8.25
N CYS F 49 23.26 2.66 7.43
CA CYS F 49 21.95 2.49 6.80
C CYS F 49 21.19 1.54 7.69
N GLU F 50 19.86 1.54 7.56
CA GLU F 50 19.01 0.65 8.32
C GLU F 50 18.28 -0.30 7.39
N VAL F 51 18.34 -1.60 7.68
CA VAL F 51 17.68 -2.55 6.83
C VAL F 51 16.18 -2.57 7.13
N LEU F 52 15.39 -2.26 6.12
CA LEU F 52 13.96 -2.37 6.22
C LEU F 52 13.58 -3.83 5.97
N ALA F 53 13.74 -4.33 4.76
CA ALA F 53 13.54 -5.77 4.51
C ALA F 53 14.74 -6.42 3.83
N LEU F 54 14.79 -7.76 3.90
CA LEU F 54 15.86 -8.54 3.29
C LEU F 54 15.42 -9.97 2.93
N GLU F 55 15.63 -10.34 1.68
CA GLU F 55 15.45 -11.73 1.24
C GLU F 55 16.67 -12.16 0.48
N VAL F 56 17.17 -13.35 0.82
CA VAL F 56 18.19 -13.98 0.03
C VAL F 56 17.64 -15.31 -0.42
N MET F 57 17.50 -15.46 -1.72
CA MET F 57 16.99 -16.70 -2.26
C MET F 57 17.88 -17.11 -3.40
N PRO F 58 17.97 -18.43 -3.65
CA PRO F 58 18.96 -19.09 -4.50
C PRO F 58 19.38 -18.34 -5.78
N ASP F 59 18.46 -17.57 -6.33
CA ASP F 59 18.71 -16.85 -7.57
C ASP F 59 18.62 -15.33 -7.44
N HIS F 60 18.44 -14.81 -6.22
CA HIS F 60 18.49 -13.34 -6.02
C HIS F 60 18.47 -12.81 -4.58
N ILE F 61 18.96 -11.57 -4.46
CA ILE F 61 18.89 -10.81 -3.23
C ILE F 61 17.85 -9.73 -3.42
N HIS F 62 17.12 -9.42 -2.37
CA HIS F 62 16.27 -8.25 -2.39
C HIS F 62 16.49 -7.48 -1.12
N LEU F 63 17.30 -6.42 -1.21
CA LEU F 63 17.71 -5.66 -0.04
C LEU F 63 16.98 -4.33 0.05
N PHE F 64 16.10 -4.23 1.03
CA PHE F 64 15.31 -3.03 1.25
C PHE F 64 15.91 -2.23 2.41
N VAL F 65 16.34 -1.01 2.11
CA VAL F 65 17.11 -0.19 3.05
C VAL F 65 16.75 1.27 3.07
N ASN F 66 17.02 1.89 4.20
CA ASN F 66 16.98 3.34 4.33
C ASN F 66 18.44 3.75 4.44
N CYS F 67 18.86 4.71 3.61
CA CYS F 67 20.24 5.20 3.70
C CYS F 67 20.35 6.71 3.74
N PRO F 68 21.42 7.24 4.35
CA PRO F 68 21.58 8.68 4.48
C PRO F 68 21.80 9.31 3.12
N PRO F 69 21.38 10.56 2.92
CA PRO F 69 21.34 11.14 1.57
C PRO F 69 22.69 11.37 0.94
N ARG F 70 23.79 10.88 1.53
CA ARG F 70 25.08 11.24 0.96
C ARG F 70 25.54 10.29 -0.14
N TYR F 71 24.80 9.19 -0.24
CA TYR F 71 25.11 8.03 -1.02
C TYR F 71 24.24 7.90 -2.28
N ALA F 72 24.84 7.88 -3.46
CA ALA F 72 24.00 7.61 -4.63
C ALA F 72 23.68 6.14 -4.66
N PRO F 73 22.45 5.82 -5.05
CA PRO F 73 21.97 4.46 -5.24
C PRO F 73 23.04 3.58 -5.83
N SER F 74 23.70 4.08 -6.87
CA SER F 74 24.73 3.33 -7.57
C SER F 74 25.93 3.02 -6.69
N TYR F 75 26.32 3.99 -5.86
CA TYR F 75 27.45 3.79 -4.96
C TYR F 75 27.16 2.65 -3.98
N LEU F 76 25.89 2.58 -3.56
CA LEU F 76 25.48 1.63 -2.53
C LEU F 76 25.34 0.27 -3.13
N ALA F 77 24.71 0.20 -4.30
CA ALA F 77 24.53 -1.12 -4.90
C ALA F 77 25.91 -1.74 -4.98
N ASN F 78 26.90 -0.97 -5.46
CA ASN F 78 28.26 -1.46 -5.62
C ASN F 78 28.82 -1.83 -4.27
N TYR F 79 28.56 -1.01 -3.26
CA TYR F 79 29.08 -1.29 -1.94
C TYR F 79 28.58 -2.63 -1.31
N PHE F 80 27.28 -2.88 -1.33
CA PHE F 80 26.74 -4.16 -0.85
C PHE F 80 27.22 -5.32 -1.71
N LYS F 81 27.04 -5.23 -3.03
CA LYS F 81 27.48 -6.29 -3.95
C LYS F 81 28.99 -6.56 -3.75
N GLY F 82 29.78 -5.51 -3.94
CA GLY F 82 31.22 -5.57 -3.79
C GLY F 82 31.80 -6.13 -2.49
N LYS F 83 31.42 -5.55 -1.36
CA LYS F 83 32.07 -5.90 -0.09
C LYS F 83 31.58 -7.24 0.47
N SER F 84 30.32 -7.58 0.20
CA SER F 84 29.78 -8.87 0.57
C SER F 84 30.34 -10.03 -0.29
N ALA F 85 30.51 -9.80 -1.59
CA ALA F 85 31.25 -10.75 -2.43
C ALA F 85 32.62 -11.02 -1.81
N ARG F 86 33.37 -9.96 -1.53
CA ARG F 86 34.65 -10.09 -0.88
C ARG F 86 34.59 -10.85 0.45
N LEU F 87 33.44 -10.82 1.13
CA LEU F 87 33.35 -11.46 2.44
C LEU F 87 32.83 -12.89 2.40
N ILE F 88 31.73 -13.08 1.68
CA ILE F 88 31.10 -14.39 1.47
C ILE F 88 32.09 -15.35 0.81
N LEU F 89 32.77 -14.89 -0.24
CA LEU F 89 33.82 -15.69 -0.87
C LEU F 89 35.02 -15.93 0.01
N LYS F 90 35.30 -15.06 0.97
CA LYS F 90 36.37 -15.32 1.92
C LYS F 90 35.95 -16.49 2.83
N LYS F 91 34.72 -16.47 3.34
CA LYS F 91 34.25 -17.57 4.19
C LYS F 91 34.11 -18.88 3.43
N PHE F 92 33.46 -18.87 2.26
CA PHE F 92 33.26 -20.11 1.51
C PHE F 92 34.27 -20.32 0.37
N GLN F 93 35.38 -20.97 0.73
CA GLN F 93 36.54 -21.09 -0.14
C GLN F 93 36.34 -21.97 -1.37
N GLU F 94 35.45 -22.93 -1.24
CA GLU F 94 35.12 -23.85 -2.33
C GLU F 94 34.25 -23.12 -3.34
N LEU F 95 33.30 -22.33 -2.81
CA LEU F 95 32.47 -21.40 -3.60
C LEU F 95 33.36 -20.52 -4.45
N LYS F 96 34.41 -19.98 -3.85
CA LYS F 96 35.33 -19.10 -4.54
C LYS F 96 35.87 -19.77 -5.78
N LYS F 97 36.11 -21.08 -5.67
CA LYS F 97 36.70 -21.86 -6.76
C LYS F 97 35.66 -22.27 -7.81
N SER F 98 34.46 -22.64 -7.37
CA SER F 98 33.38 -23.02 -8.30
C SER F 98 33.07 -21.88 -9.26
N THR F 99 33.26 -20.65 -8.78
CA THR F 99 32.87 -19.44 -9.51
C THR F 99 34.05 -18.58 -9.90
N ASN F 100 35.24 -19.03 -9.47
CA ASN F 100 36.52 -18.33 -9.69
C ASN F 100 36.47 -16.88 -9.25
N GLY F 101 36.07 -16.66 -8.01
CA GLY F 101 35.97 -15.31 -7.44
C GLY F 101 34.94 -14.37 -8.05
N LYS F 102 33.84 -14.92 -8.55
CA LYS F 102 32.77 -14.09 -9.12
C LYS F 102 31.35 -14.48 -8.67
N LEU F 103 30.92 -13.97 -7.53
CA LEU F 103 29.57 -14.24 -7.03
C LEU F 103 28.46 -13.62 -7.86
N TRP F 104 28.60 -12.34 -8.22
CA TRP F 104 27.50 -11.59 -8.82
C TRP F 104 27.75 -11.19 -10.24
N THR F 105 26.72 -10.70 -10.90
CA THR F 105 26.88 -10.03 -12.18
C THR F 105 27.28 -8.54 -11.97
N ARG F 106 27.17 -7.73 -13.02
CA ARG F 106 27.50 -6.32 -12.93
C ARG F 106 26.26 -5.44 -13.08
N SER F 107 25.11 -6.08 -13.29
CA SER F 107 23.83 -5.39 -13.28
C SER F 107 23.22 -5.37 -11.91
N TYR F 108 22.33 -4.40 -11.69
CA TYR F 108 21.55 -4.29 -10.48
C TYR F 108 20.28 -3.55 -10.77
N PHE F 109 19.30 -3.76 -9.91
CA PHE F 109 18.03 -3.03 -9.99
C PHE F 109 17.88 -2.17 -8.70
N VAL F 110 17.22 -1.02 -8.84
CA VAL F 110 17.07 -0.01 -7.79
C VAL F 110 15.82 0.84 -8.00
N SER F 111 14.90 0.81 -7.04
CA SER F 111 13.64 1.53 -7.17
C SER F 111 13.39 2.24 -5.86
N THR F 112 12.94 3.49 -5.91
CA THR F 112 12.71 4.24 -4.68
C THR F 112 11.32 4.04 -4.04
N SER F 113 11.25 4.26 -2.72
CA SER F 113 10.05 3.95 -1.95
C SER F 113 9.65 5.07 -0.99
N GLY F 114 8.33 5.27 -0.84
CA GLY F 114 7.77 6.27 0.08
C GLY F 114 6.58 7.05 -0.44
N ASN F 115 6.11 8.01 0.37
CA ASN F 115 5.02 8.90 -0.02
C ASN F 115 5.23 10.25 0.61
N VAL F 116 4.75 11.30 -0.03
CA VAL F 116 4.88 12.64 0.56
C VAL F 116 3.57 13.41 0.57
N SER F 117 2.99 13.56 1.77
CA SER F 117 1.79 14.38 1.98
C SER F 117 2.14 15.85 2.10
N SER F 118 1.29 16.70 1.53
CA SER F 118 1.44 18.15 1.68
C SER F 118 1.46 18.57 3.16
N GLU F 119 0.87 17.76 4.04
CA GLU F 119 0.91 18.01 5.48
C GLU F 119 2.26 17.64 6.12
N THR F 120 2.94 16.65 5.53
CA THR F 120 4.30 16.27 5.92
C THR F 120 5.25 17.43 5.58
N ILE F 121 4.99 18.08 4.45
CA ILE F 121 5.82 19.17 3.98
C ILE F 121 5.51 20.37 4.82
N LYS F 122 4.23 20.67 4.99
CA LYS F 122 3.80 21.83 5.78
C LYS F 122 4.44 21.75 7.15
N LYS F 123 4.45 20.56 7.74
CA LYS F 123 5.14 20.39 9.01
C LYS F 123 6.61 20.74 8.85
N TYR F 124 7.24 20.27 7.76
CA TYR F 124 8.66 20.57 7.54
C TYR F 124 8.89 22.05 7.37
N ILE F 125 7.99 22.71 6.65
CA ILE F 125 8.17 24.11 6.33
C ILE F 125 8.29 24.90 7.60
N GLU F 126 7.27 24.84 8.44
CA GLU F 126 7.29 25.65 9.63
C GLU F 126 7.88 24.90 10.81
N GLU F 127 8.27 23.66 10.57
CA GLU F 127 9.21 22.98 11.45
C GLU F 127 10.54 23.74 11.37
N GLN F 128 10.77 24.40 10.24
CA GLN F 128 11.98 25.19 10.00
C GLN F 128 11.86 26.60 10.58
N TRP F 129 12.59 26.83 11.67
CA TRP F 129 12.54 28.09 12.44
C TRP F 129 13.89 28.50 12.99
#